data_8OL9
#
_entry.id   8OL9
#
_cell.length_a   61.440
_cell.length_b   97.270
_cell.length_c   366.470
_cell.angle_alpha   90.000
_cell.angle_beta   90.000
_cell.angle_gamma   90.000
#
_symmetry.space_group_name_H-M   'I 2 2 2'
#
loop_
_entity.id
_entity.type
_entity.pdbx_description
1 polymer 'Light chain of FIXa binding Fab'
2 polymer 'Heavy chain of FIXa binding Fab'
3 polymer 'Coagulation factor IX heavy chain'
4 polymer 'Coagulation factor IX light chain'
5 non-polymer 'SULFATE ION'
6 non-polymer 2-AMINO-2-HYDROXYMETHYL-PROPANE-1,3-DIOL
7 non-polymer 'CALCIUM ION'
8 non-polymer L-alpha-glutamyl-N-{(1S)-4-{[amino(iminio)methyl]amino}-1-[(1S)-2-chloro-1-hydroxyethyl]butyl}glycinamide
9 water water
#
loop_
_entity_poly.entity_id
_entity_poly.type
_entity_poly.pdbx_seq_one_letter_code
_entity_poly.pdbx_strand_id
1 'polypeptide(L)'
;DIQMTQSPSTLSASAGDRVTISCRASQSISSWLAWYQQKPGKAPKLLIYKASSLESGVPSRFSGSGSGTEFTLTISSLQP
DDFATYYCQEYNSYIRTFGQGTKVEIKRTVAAPSVFIFPPSDEQLKSGTASVVCLLNNFYPREAKVQWKVDNALQSGNSQ
ESVTEQDSKDSTYSLSSTLTLSKADYEKHKVYACEVTHQGLSSPVTKSFNRGEC
;
A
2 'polypeptide(L)'
;EVQLVESGGGLVQPGRSLRLSCAASGFIFDDYAMHWVRQVPGKGLEWVSGISWNSDNIGYVDSVKGRFTISRDNAKNSLY
LQMNSLRIEDTALYYCAKAFGSGSYYNGFDYWGQGALVTVSSASTKGPSVFPLAPSSKSTSGGTAALGCLVKDYFPEPVT
VSWNSGALTSGVHTFPAVLQSSGLYSLSSVVTVPSSSLGTQTYICNVNHKPSNTKVDKRVEPKSC
;
B
3 'polypeptide(L)'
;VVGGEDAKPGQFPWQVVLNGKVDAFCGGSIVNEKWIVTAAHCVETGVKITVVAGEHNIEETEHTEQKRNVIRIIPHHNYN
AAINKYNHDIALLELDEPLVLNSYVTPICIADKEYTNIFLKFGSGYVSGWGRVFHKGRSALVLQYLRVPLVDRATCLRST
KFTIYNNMFCAGFHEGGRDSCQGDSGGPHVTEVEGTSFLTGIISWGEECAMKGKYGIYTKVSRYVNWIKEKTKLT
;
H
4 'polypeptide(L)' MDVTCNIKNGRCEQFCKNSADNKVVCSCTEGYRLAENQKSCEPAVPFPCGRVSVSQTSK L
#
loop_
_chem_comp.id
_chem_comp.type
_chem_comp.name
_chem_comp.formula
0GJ peptide-like L-alpha-glutamyl-N-{(1S)-4-{[amino(iminio)methyl]amino}-1-[(1S)-2-chloro-1-hydroxyethyl]butyl}glycinamide 'C14 H28 Cl N6 O5 1'
CA non-polymer 'CALCIUM ION' 'Ca 2'
SO4 non-polymer 'SULFATE ION' 'O4 S -2'
TRS non-polymer 2-AMINO-2-HYDROXYMETHYL-PROPANE-1,3-DIOL 'C4 H12 N O3 1'
#
# COMPACT_ATOMS: atom_id res chain seq x y z
N ASP A 1 2.34 -5.92 -16.64
CA ASP A 1 3.05 -6.69 -15.64
C ASP A 1 2.21 -7.85 -15.11
N ILE A 2 1.41 -7.58 -14.09
CA ILE A 2 0.52 -8.57 -13.47
C ILE A 2 -0.91 -8.12 -13.71
N GLN A 3 -1.67 -8.94 -14.44
CA GLN A 3 -3.05 -8.62 -14.77
C GLN A 3 -3.97 -9.20 -13.71
N MET A 4 -4.66 -8.32 -12.98
CA MET A 4 -5.63 -8.75 -11.99
C MET A 4 -7.02 -8.82 -12.62
N THR A 5 -7.69 -9.96 -12.44
CA THR A 5 -8.99 -10.22 -13.03
C THR A 5 -9.97 -10.58 -11.92
N GLN A 6 -11.02 -9.79 -11.79
CA GLN A 6 -12.06 -10.03 -10.79
C GLN A 6 -13.29 -10.64 -11.45
N SER A 7 -14.01 -11.46 -10.68
CA SER A 7 -15.21 -12.10 -11.19
C SER A 7 -16.19 -12.25 -10.03
N PRO A 8 -17.47 -11.92 -10.24
CA PRO A 8 -18.06 -11.39 -11.46
C PRO A 8 -17.90 -9.88 -11.53
N SER A 9 -18.25 -9.27 -12.68
CA SER A 9 -18.22 -7.81 -12.78
C SER A 9 -19.23 -7.18 -11.84
N THR A 10 -20.42 -7.76 -11.73
CA THR A 10 -21.44 -7.28 -10.81
C THR A 10 -22.38 -8.42 -10.48
N LEU A 11 -22.96 -8.38 -9.29
CA LEU A 11 -23.89 -9.41 -8.86
C LEU A 11 -24.90 -8.82 -7.88
N SER A 12 -26.07 -9.46 -7.81
CA SER A 12 -27.15 -9.03 -6.95
C SER A 12 -27.59 -10.20 -6.08
N ALA A 13 -27.81 -9.93 -4.79
CA ALA A 13 -28.18 -10.98 -3.86
C ALA A 13 -29.05 -10.37 -2.76
N SER A 14 -29.86 -11.22 -2.12
CA SER A 14 -30.74 -10.77 -1.07
C SER A 14 -30.01 -10.76 0.27
N ALA A 15 -30.60 -10.09 1.26
CA ALA A 15 -30.00 -10.03 2.58
C ALA A 15 -29.99 -11.42 3.22
N GLY A 16 -28.97 -11.67 4.03
CA GLY A 16 -28.76 -12.96 4.64
C GLY A 16 -28.14 -14.00 3.73
N ASP A 17 -27.95 -13.70 2.45
CA ASP A 17 -27.33 -14.64 1.53
C ASP A 17 -25.82 -14.73 1.79
N ARG A 18 -25.18 -15.66 1.10
CA ARG A 18 -23.73 -15.82 1.16
C ARG A 18 -23.16 -15.43 -0.19
N VAL A 19 -22.31 -14.41 -0.20
CA VAL A 19 -21.72 -13.87 -1.42
C VAL A 19 -20.31 -14.41 -1.57
N THR A 20 -19.90 -14.66 -2.82
CA THR A 20 -18.55 -15.11 -3.14
C THR A 20 -18.03 -14.28 -4.31
N ILE A 21 -16.92 -13.59 -4.09
CA ILE A 21 -16.26 -12.79 -5.11
C ILE A 21 -14.89 -13.39 -5.37
N SER A 22 -14.59 -13.63 -6.65
CA SER A 22 -13.33 -14.21 -7.06
C SER A 22 -12.37 -13.15 -7.58
N CYS A 23 -11.09 -13.47 -7.53
CA CYS A 23 -10.04 -12.55 -7.98
C CYS A 23 -8.84 -13.40 -8.41
N ARG A 24 -8.54 -13.40 -9.70
CA ARG A 24 -7.50 -14.23 -10.27
C ARG A 24 -6.32 -13.38 -10.72
N ALA A 25 -5.11 -13.89 -10.51
CA ALA A 25 -3.88 -13.21 -10.88
C ALA A 25 -3.22 -13.92 -12.04
N SER A 26 -2.63 -13.15 -12.95
CA SER A 26 -1.96 -13.73 -14.10
C SER A 26 -0.68 -14.47 -13.72
N GLN A 27 -0.08 -14.11 -12.58
CA GLN A 27 1.12 -14.78 -12.11
C GLN A 27 0.88 -15.40 -10.74
N SER A 28 1.94 -15.55 -9.94
CA SER A 28 1.83 -16.11 -8.61
C SER A 28 2.27 -15.03 -7.61
N ILE A 29 1.29 -14.43 -6.93
CA ILE A 29 1.58 -13.39 -5.94
C ILE A 29 1.67 -13.96 -4.53
N SER A 30 1.75 -15.28 -4.38
CA SER A 30 1.85 -15.96 -3.08
C SER A 30 0.62 -15.58 -2.27
N SER A 31 0.76 -14.99 -1.08
CA SER A 31 -0.37 -14.57 -0.26
C SER A 31 -0.44 -13.05 -0.12
N TRP A 32 0.22 -12.31 -1.01
CA TRP A 32 0.24 -10.84 -0.94
C TRP A 32 -0.97 -10.29 -1.69
N LEU A 33 -2.11 -10.32 -1.02
CA LEU A 33 -3.36 -9.83 -1.59
C LEU A 33 -4.18 -9.14 -0.52
N ALA A 34 -4.83 -8.03 -0.90
CA ALA A 34 -5.64 -7.24 0.02
C ALA A 34 -7.02 -7.02 -0.58
N TRP A 35 -8.01 -6.91 0.30
CA TRP A 35 -9.40 -6.67 -0.10
C TRP A 35 -9.86 -5.35 0.47
N TYR A 36 -10.40 -4.49 -0.40
CA TYR A 36 -10.93 -3.19 0.00
C TYR A 36 -12.41 -3.11 -0.31
N GLN A 37 -13.13 -2.31 0.49
CA GLN A 37 -14.55 -2.05 0.26
C GLN A 37 -14.74 -0.55 0.18
N GLN A 38 -15.35 -0.08 -0.92
CA GLN A 38 -15.59 1.34 -1.13
C GLN A 38 -17.08 1.58 -1.31
N LYS A 39 -17.69 2.26 -0.36
CA LYS A 39 -19.08 2.62 -0.47
C LYS A 39 -19.21 3.91 -1.28
N PRO A 40 -20.36 4.11 -1.94
CA PRO A 40 -20.51 5.29 -2.80
C PRO A 40 -20.26 6.59 -2.04
N GLY A 41 -19.43 7.45 -2.64
CA GLY A 41 -19.05 8.70 -2.03
C GLY A 41 -18.02 8.60 -0.91
N LYS A 42 -17.66 7.39 -0.48
CA LYS A 42 -16.74 7.19 0.62
C LYS A 42 -15.38 6.71 0.10
N ALA A 43 -14.37 6.84 0.96
CA ALA A 43 -13.04 6.35 0.60
C ALA A 43 -12.95 4.84 0.85
N PRO A 44 -12.12 4.14 0.07
CA PRO A 44 -11.94 2.71 0.32
C PRO A 44 -11.37 2.44 1.69
N LYS A 45 -11.84 1.36 2.33
CA LYS A 45 -11.41 0.95 3.65
C LYS A 45 -10.88 -0.47 3.61
N LEU A 46 -9.74 -0.69 4.28
CA LEU A 46 -9.11 -2.01 4.27
C LEU A 46 -9.97 -3.02 5.01
N LEU A 47 -10.13 -4.20 4.40
CA LEU A 47 -10.94 -5.26 5.01
C LEU A 47 -10.08 -6.47 5.34
N ILE A 48 -9.67 -7.22 4.33
CA ILE A 48 -8.86 -8.43 4.51
C ILE A 48 -7.50 -8.20 3.86
N TYR A 49 -6.43 -8.42 4.62
CA TYR A 49 -5.07 -8.35 4.11
C TYR A 49 -4.40 -9.71 4.25
N LYS A 50 -3.34 -9.90 3.47
CA LYS A 50 -2.61 -11.17 3.43
C LYS A 50 -3.58 -12.33 3.19
N ALA A 51 -4.41 -12.18 2.16
CA ALA A 51 -5.33 -13.21 1.70
C ALA A 51 -6.39 -13.57 2.73
N SER A 52 -5.98 -13.87 3.96
CA SER A 52 -6.88 -14.43 4.96
C SER A 52 -6.92 -13.68 6.29
N SER A 53 -6.13 -12.62 6.47
CA SER A 53 -6.15 -11.90 7.74
C SER A 53 -7.22 -10.81 7.72
N LEU A 54 -7.85 -10.60 8.87
CA LEU A 54 -8.96 -9.67 9.01
C LEU A 54 -8.49 -8.43 9.76
N GLU A 55 -8.81 -7.26 9.21
CA GLU A 55 -8.41 -6.01 9.83
C GLU A 55 -9.23 -5.77 11.10
N SER A 56 -8.56 -5.23 12.12
CA SER A 56 -9.24 -4.97 13.39
C SER A 56 -10.35 -3.95 13.20
N GLY A 57 -11.53 -4.28 13.71
CA GLY A 57 -12.72 -3.46 13.55
C GLY A 57 -13.68 -3.98 12.50
N VAL A 58 -13.21 -4.77 11.55
CA VAL A 58 -14.08 -5.31 10.50
C VAL A 58 -14.95 -6.41 11.10
N PRO A 59 -16.25 -6.46 10.78
CA PRO A 59 -17.10 -7.53 11.33
C PRO A 59 -16.62 -8.91 10.90
N SER A 60 -16.96 -9.91 11.72
CA SER A 60 -16.51 -11.27 11.47
C SER A 60 -17.25 -11.96 10.33
N ARG A 61 -18.29 -11.33 9.77
CA ARG A 61 -19.01 -11.94 8.66
C ARG A 61 -18.23 -11.90 7.35
N PHE A 62 -17.16 -11.12 7.29
CA PHE A 62 -16.28 -11.09 6.13
C PHE A 62 -15.16 -12.11 6.30
N SER A 63 -14.84 -12.81 5.22
CA SER A 63 -13.81 -13.84 5.26
C SER A 63 -13.06 -13.85 3.93
N GLY A 64 -11.76 -14.07 4.01
CA GLY A 64 -10.90 -14.09 2.83
C GLY A 64 -10.18 -15.42 2.70
N SER A 65 -10.03 -15.89 1.47
CA SER A 65 -9.39 -17.16 1.20
C SER A 65 -8.65 -17.07 -0.12
N GLY A 66 -7.77 -18.06 -0.34
CA GLY A 66 -7.03 -18.13 -1.60
C GLY A 66 -5.53 -18.03 -1.43
N SER A 67 -4.79 -18.63 -2.35
CA SER A 67 -3.34 -18.59 -2.35
C SER A 67 -2.82 -18.90 -3.75
N GLY A 68 -1.73 -18.23 -4.13
CA GLY A 68 -1.14 -18.46 -5.42
C GLY A 68 -1.67 -17.57 -6.52
N THR A 69 -2.60 -18.09 -7.33
CA THR A 69 -3.17 -17.35 -8.44
C THR A 69 -4.67 -17.16 -8.35
N GLU A 70 -5.36 -17.84 -7.44
CA GLU A 70 -6.81 -17.75 -7.29
C GLU A 70 -7.14 -17.34 -5.87
N PHE A 71 -7.99 -16.32 -5.73
CA PHE A 71 -8.41 -15.81 -4.43
C PHE A 71 -9.91 -15.56 -4.46
N THR A 72 -10.57 -15.84 -3.34
CA THR A 72 -12.00 -15.63 -3.20
C THR A 72 -12.30 -14.84 -1.94
N LEU A 73 -13.35 -14.02 -2.00
CA LEU A 73 -13.86 -13.28 -0.85
C LEU A 73 -15.28 -13.74 -0.56
N THR A 74 -15.58 -13.93 0.73
CA THR A 74 -16.88 -14.44 1.15
C THR A 74 -17.50 -13.52 2.19
N ILE A 75 -18.75 -13.15 1.98
CA ILE A 75 -19.53 -12.35 2.92
C ILE A 75 -20.67 -13.21 3.42
N SER A 76 -20.50 -13.83 4.58
CA SER A 76 -21.56 -14.63 5.17
C SER A 76 -22.66 -13.72 5.71
N SER A 77 -23.92 -14.12 5.45
CA SER A 77 -25.10 -13.37 5.86
C SER A 77 -25.05 -11.94 5.35
N LEU A 78 -25.46 -11.73 4.11
CA LEU A 78 -25.38 -10.41 3.49
C LEU A 78 -26.26 -9.42 4.24
N GLN A 79 -25.77 -8.19 4.38
CA GLN A 79 -26.49 -7.10 5.01
C GLN A 79 -26.67 -5.96 4.03
N PRO A 80 -27.79 -5.23 4.11
CA PRO A 80 -28.00 -4.10 3.18
C PRO A 80 -26.93 -3.04 3.26
N ASP A 81 -26.26 -2.91 4.41
CA ASP A 81 -25.19 -1.94 4.55
C ASP A 81 -23.97 -2.32 3.72
N ASP A 82 -23.83 -3.59 3.34
CA ASP A 82 -22.66 -4.06 2.60
C ASP A 82 -22.73 -3.73 1.12
N PHE A 83 -23.67 -2.91 0.69
CA PHE A 83 -23.71 -2.47 -0.70
C PHE A 83 -22.52 -1.55 -0.96
N ALA A 84 -21.62 -1.98 -1.85
CA ALA A 84 -20.42 -1.22 -2.19
C ALA A 84 -19.73 -1.90 -3.37
N THR A 85 -18.56 -1.39 -3.75
CA THR A 85 -17.69 -2.02 -4.73
C THR A 85 -16.49 -2.60 -3.98
N TYR A 86 -16.25 -3.89 -4.19
CA TYR A 86 -15.16 -4.60 -3.53
C TYR A 86 -14.00 -4.79 -4.51
N TYR A 87 -12.81 -4.38 -4.10
CA TYR A 87 -11.62 -4.48 -4.93
C TYR A 87 -10.62 -5.45 -4.32
N CYS A 88 -9.90 -6.16 -5.17
CA CYS A 88 -8.76 -6.98 -4.77
C CYS A 88 -7.49 -6.35 -5.31
N GLN A 89 -6.41 -6.43 -4.53
CA GLN A 89 -5.15 -5.78 -4.89
C GLN A 89 -3.99 -6.65 -4.45
N GLU A 90 -3.01 -6.81 -5.33
CA GLU A 90 -1.76 -7.50 -5.01
C GLU A 90 -0.70 -6.47 -4.69
N TYR A 91 0.16 -6.79 -3.71
CA TYR A 91 1.28 -5.93 -3.38
C TYR A 91 2.60 -6.70 -3.47
N ASN A 92 2.63 -7.74 -4.30
CA ASN A 92 3.88 -8.45 -4.56
C ASN A 92 4.84 -7.58 -5.37
N SER A 93 4.34 -6.95 -6.43
CA SER A 93 5.13 -6.03 -7.22
C SER A 93 4.95 -4.60 -6.72
N TYR A 94 5.84 -3.72 -7.18
CA TYR A 94 5.77 -2.30 -6.81
C TYR A 94 4.70 -1.55 -7.58
N ILE A 95 4.08 -2.16 -8.59
CA ILE A 95 2.98 -1.52 -9.31
C ILE A 95 1.70 -1.59 -8.49
N ARG A 96 1.49 -2.68 -7.76
CA ARG A 96 0.30 -2.90 -6.93
C ARG A 96 -0.97 -2.80 -7.76
N THR A 97 -1.12 -3.78 -8.64
CA THR A 97 -2.26 -3.79 -9.56
C THR A 97 -3.55 -4.09 -8.81
N PHE A 98 -4.58 -3.29 -9.05
CA PHE A 98 -5.90 -3.52 -8.49
C PHE A 98 -6.74 -4.34 -9.47
N GLY A 99 -7.79 -4.96 -8.93
CA GLY A 99 -8.77 -5.61 -9.77
C GLY A 99 -9.79 -4.64 -10.34
N GLN A 100 -10.63 -5.15 -11.25
CA GLN A 100 -11.66 -4.32 -11.85
C GLN A 100 -12.80 -3.99 -10.89
N GLY A 101 -12.85 -4.64 -9.73
CA GLY A 101 -13.90 -4.38 -8.77
C GLY A 101 -15.18 -5.11 -9.08
N THR A 102 -15.98 -5.38 -8.05
CA THR A 102 -17.24 -6.10 -8.19
C THR A 102 -18.30 -5.38 -7.38
N LYS A 103 -19.34 -4.90 -8.08
N LYS A 103 -19.34 -4.90 -8.08
CA LYS A 103 -20.44 -4.22 -7.40
CA LYS A 103 -20.44 -4.21 -7.42
C LYS A 103 -21.43 -5.22 -6.85
C LYS A 103 -21.42 -5.24 -6.85
N VAL A 104 -21.76 -5.07 -5.58
CA VAL A 104 -22.69 -5.98 -4.89
C VAL A 104 -24.00 -5.24 -4.70
N GLU A 105 -25.03 -5.66 -5.44
CA GLU A 105 -26.38 -5.10 -5.30
C GLU A 105 -27.19 -5.93 -4.32
N ILE A 106 -28.21 -5.30 -3.74
CA ILE A 106 -29.08 -5.95 -2.77
C ILE A 106 -30.44 -6.19 -3.42
N LYS A 107 -30.97 -7.40 -3.22
CA LYS A 107 -32.28 -7.78 -3.74
C LYS A 107 -33.31 -7.69 -2.62
N ARG A 108 -34.42 -7.00 -2.89
CA ARG A 108 -35.47 -6.79 -1.89
C ARG A 108 -36.83 -6.84 -2.58
N THR A 109 -37.89 -6.72 -1.77
CA THR A 109 -39.25 -6.78 -2.29
C THR A 109 -39.56 -5.55 -3.14
N VAL A 110 -40.53 -5.72 -4.04
CA VAL A 110 -40.95 -4.63 -4.92
C VAL A 110 -41.57 -3.53 -4.07
N ALA A 111 -41.17 -2.28 -4.32
CA ALA A 111 -41.73 -1.13 -3.63
C ALA A 111 -42.09 -0.06 -4.65
N ALA A 112 -43.32 0.42 -4.61
CA ALA A 112 -43.77 1.40 -5.57
C ALA A 112 -43.20 2.78 -5.25
N PRO A 113 -43.02 3.62 -6.25
CA PRO A 113 -42.51 4.97 -5.99
C PRO A 113 -43.60 5.90 -5.50
N SER A 114 -43.14 7.00 -4.90
CA SER A 114 -43.98 8.14 -4.56
C SER A 114 -43.63 9.24 -5.54
N VAL A 115 -44.59 9.62 -6.37
CA VAL A 115 -44.35 10.59 -7.43
C VAL A 115 -44.65 11.99 -6.90
N PHE A 116 -43.69 12.89 -7.06
CA PHE A 116 -43.86 14.30 -6.76
C PHE A 116 -43.52 15.11 -8.00
N ILE A 117 -43.87 16.39 -7.97
CA ILE A 117 -43.56 17.30 -9.08
C ILE A 117 -43.32 18.68 -8.51
N PHE A 118 -42.54 19.47 -9.24
CA PHE A 118 -42.16 20.80 -8.78
C PHE A 118 -42.25 21.80 -9.93
N PRO A 119 -43.12 22.79 -9.83
CA PRO A 119 -43.20 23.81 -10.87
C PRO A 119 -41.96 24.67 -10.85
N PRO A 120 -41.62 25.34 -11.96
CA PRO A 120 -40.43 26.18 -11.98
C PRO A 120 -40.57 27.35 -11.02
N SER A 121 -39.46 27.74 -10.43
CA SER A 121 -39.44 28.89 -9.54
C SER A 121 -39.53 30.19 -10.34
N ASP A 122 -40.14 31.21 -9.74
CA ASP A 122 -40.21 32.52 -10.37
C ASP A 122 -38.83 33.14 -10.51
N GLU A 123 -37.89 32.79 -9.63
CA GLU A 123 -36.53 33.30 -9.75
C GLU A 123 -35.87 32.82 -11.05
N GLN A 124 -36.10 31.56 -11.41
CA GLN A 124 -35.50 31.03 -12.65
C GLN A 124 -36.26 31.50 -13.89
N LEU A 125 -37.57 31.71 -13.77
CA LEU A 125 -38.35 32.12 -14.94
C LEU A 125 -37.90 33.49 -15.44
N LYS A 126 -37.57 34.41 -14.53
CA LYS A 126 -37.09 35.72 -14.92
C LYS A 126 -35.72 35.69 -15.57
N SER A 127 -35.07 34.52 -15.65
CA SER A 127 -33.78 34.38 -16.30
C SER A 127 -33.87 33.85 -17.71
N GLY A 128 -35.07 33.46 -18.16
CA GLY A 128 -35.26 32.93 -19.49
C GLY A 128 -35.26 31.43 -19.62
N THR A 129 -35.40 30.70 -18.50
CA THR A 129 -35.41 29.24 -18.51
C THR A 129 -36.47 28.74 -17.53
N ALA A 130 -37.02 27.57 -17.82
CA ALA A 130 -38.00 26.92 -16.94
C ALA A 130 -37.62 25.46 -16.78
N SER A 131 -37.47 25.03 -15.52
CA SER A 131 -37.11 23.66 -15.18
C SER A 131 -38.25 23.03 -14.39
N VAL A 132 -38.76 21.90 -14.88
CA VAL A 132 -39.81 21.15 -14.20
C VAL A 132 -39.20 19.84 -13.73
N VAL A 133 -39.31 19.57 -12.43
CA VAL A 133 -38.67 18.41 -11.82
C VAL A 133 -39.73 17.44 -11.34
N CYS A 134 -39.71 16.22 -11.89
CA CYS A 134 -40.50 15.10 -11.41
C CYS A 134 -39.61 14.18 -10.58
N LEU A 135 -40.10 13.76 -9.42
CA LEU A 135 -39.30 13.01 -8.45
C LEU A 135 -39.96 11.67 -8.12
N LEU A 136 -39.22 10.58 -8.33
CA LEU A 136 -39.63 9.24 -7.94
C LEU A 136 -38.79 8.81 -6.74
N ASN A 137 -39.46 8.59 -5.60
CA ASN A 137 -38.77 8.45 -4.31
C ASN A 137 -38.98 7.06 -3.74
N ASN A 138 -37.88 6.41 -3.37
CA ASN A 138 -37.87 5.17 -2.58
C ASN A 138 -38.70 4.07 -3.27
N PHE A 139 -38.18 3.61 -4.40
CA PHE A 139 -38.81 2.52 -5.14
C PHE A 139 -37.79 1.42 -5.40
N TYR A 140 -38.31 0.26 -5.82
CA TYR A 140 -37.49 -0.90 -6.18
C TYR A 140 -38.35 -1.83 -7.02
N PRO A 141 -37.84 -2.36 -8.14
CA PRO A 141 -36.46 -2.24 -8.67
C PRO A 141 -36.18 -0.93 -9.39
N ARG A 142 -35.02 -0.82 -10.04
CA ARG A 142 -34.60 0.41 -10.70
C ARG A 142 -35.31 0.66 -12.02
N GLU A 143 -35.88 -0.36 -12.63
CA GLU A 143 -36.53 -0.21 -13.93
C GLU A 143 -37.81 0.60 -13.78
N ALA A 144 -37.79 1.84 -14.25
CA ALA A 144 -38.96 2.70 -14.18
C ALA A 144 -38.89 3.73 -15.30
N LYS A 145 -39.97 3.85 -16.06
CA LYS A 145 -40.01 4.77 -17.19
C LYS A 145 -40.86 5.99 -16.85
N VAL A 146 -40.36 7.16 -17.24
CA VAL A 146 -41.02 8.44 -16.98
C VAL A 146 -41.30 9.11 -18.32
N GLN A 147 -42.56 9.49 -18.53
CA GLN A 147 -42.99 10.15 -19.76
C GLN A 147 -43.59 11.50 -19.40
N TRP A 148 -43.13 12.55 -20.08
CA TRP A 148 -43.66 13.88 -19.86
C TRP A 148 -44.78 14.16 -20.85
N LYS A 149 -45.81 14.86 -20.38
CA LYS A 149 -46.95 15.24 -21.22
C LYS A 149 -47.20 16.73 -21.01
N VAL A 150 -47.20 17.47 -22.11
CA VAL A 150 -47.42 18.91 -22.11
C VAL A 150 -48.72 19.17 -22.88
N ASP A 151 -49.75 19.61 -22.16
CA ASP A 151 -51.09 19.77 -22.72
C ASP A 151 -51.55 18.46 -23.38
N ASN A 152 -51.34 17.36 -22.66
CA ASN A 152 -51.69 16.01 -23.10
C ASN A 152 -50.94 15.58 -24.35
N ALA A 153 -49.80 16.20 -24.64
CA ALA A 153 -48.97 15.85 -25.79
C ALA A 153 -47.64 15.27 -25.29
N LEU A 154 -47.32 14.07 -25.75
CA LEU A 154 -46.10 13.39 -25.34
C LEU A 154 -44.89 14.18 -25.82
N GLN A 155 -44.10 14.69 -24.87
CA GLN A 155 -42.89 15.40 -25.20
C GLN A 155 -41.72 14.43 -25.26
N SER A 156 -40.76 14.74 -26.12
CA SER A 156 -39.57 13.90 -26.29
C SER A 156 -38.42 14.76 -26.78
N GLY A 157 -37.31 14.73 -26.06
CA GLY A 157 -36.11 15.41 -26.48
C GLY A 157 -35.67 16.57 -25.61
N ASN A 158 -36.36 16.81 -24.49
CA ASN A 158 -36.03 17.95 -23.64
C ASN A 158 -36.06 17.57 -22.16
N SER A 159 -35.76 16.32 -21.83
CA SER A 159 -35.70 15.88 -20.45
C SER A 159 -34.46 15.03 -20.23
N GLN A 160 -33.98 15.02 -18.98
CA GLN A 160 -32.85 14.20 -18.57
C GLN A 160 -33.18 13.52 -17.25
N GLU A 161 -32.68 12.29 -17.10
CA GLU A 161 -32.92 11.48 -15.92
C GLU A 161 -31.62 11.30 -15.13
N SER A 162 -31.78 10.95 -13.85
CA SER A 162 -30.65 10.68 -12.97
C SER A 162 -31.13 9.82 -11.82
N VAL A 163 -30.42 8.74 -11.52
CA VAL A 163 -30.83 7.77 -10.50
C VAL A 163 -29.76 7.74 -9.40
N THR A 164 -30.21 7.77 -8.14
CA THR A 164 -29.28 7.61 -7.03
C THR A 164 -28.80 6.17 -6.93
N GLU A 165 -27.85 5.95 -6.04
CA GLU A 165 -27.39 4.60 -5.79
C GLU A 165 -28.24 3.96 -4.69
N GLN A 166 -28.07 2.65 -4.54
CA GLN A 166 -28.88 1.89 -3.59
C GLN A 166 -28.75 2.45 -2.18
N ASP A 167 -29.90 2.69 -1.55
CA ASP A 167 -29.90 3.19 -0.18
C ASP A 167 -29.23 2.19 0.75
N SER A 168 -28.49 2.70 1.74
CA SER A 168 -27.77 1.83 2.67
C SER A 168 -28.68 1.19 3.72
N LYS A 169 -29.91 1.68 3.87
CA LYS A 169 -30.83 1.18 4.89
C LYS A 169 -31.90 0.26 4.29
N ASP A 170 -32.70 0.77 3.34
CA ASP A 170 -33.79 0.00 2.77
C ASP A 170 -33.50 -0.49 1.35
N SER A 171 -32.36 -0.13 0.78
CA SER A 171 -31.94 -0.62 -0.54
C SER A 171 -32.94 -0.22 -1.63
N THR A 172 -33.54 0.96 -1.50
CA THR A 172 -34.44 1.47 -2.51
C THR A 172 -33.70 2.44 -3.44
N TYR A 173 -34.41 2.88 -4.47
CA TYR A 173 -33.85 3.79 -5.47
C TYR A 173 -34.65 5.09 -5.49
N SER A 174 -34.05 6.10 -6.09
CA SER A 174 -34.72 7.38 -6.28
C SER A 174 -34.28 7.95 -7.62
N LEU A 175 -35.26 8.39 -8.41
CA LEU A 175 -35.02 8.90 -9.75
C LEU A 175 -35.46 10.35 -9.83
N SER A 176 -34.70 11.12 -10.61
CA SER A 176 -34.98 12.52 -10.90
C SER A 176 -35.11 12.68 -12.41
N SER A 177 -36.20 13.31 -12.85
CA SER A 177 -36.43 13.59 -14.27
C SER A 177 -36.81 15.06 -14.42
N THR A 178 -35.93 15.84 -15.05
CA THR A 178 -36.09 17.27 -15.17
C THR A 178 -36.42 17.65 -16.61
N LEU A 179 -37.49 18.41 -16.77
CA LEU A 179 -37.93 18.92 -18.06
C LEU A 179 -37.57 20.40 -18.14
N THR A 180 -36.70 20.74 -19.08
CA THR A 180 -36.15 22.09 -19.19
C THR A 180 -36.59 22.70 -20.51
N LEU A 181 -37.34 23.79 -20.43
CA LEU A 181 -37.73 24.55 -21.61
C LEU A 181 -37.42 26.03 -21.37
N SER A 182 -37.30 26.77 -22.48
CA SER A 182 -37.13 28.21 -22.39
C SER A 182 -38.41 28.86 -21.90
N LYS A 183 -38.29 30.11 -21.44
CA LYS A 183 -39.46 30.86 -21.01
C LYS A 183 -40.45 31.04 -22.15
N ALA A 184 -39.94 31.31 -23.35
CA ALA A 184 -40.82 31.44 -24.53
C ALA A 184 -41.62 30.17 -24.76
N ASP A 185 -40.96 29.02 -24.76
CA ASP A 185 -41.65 27.78 -25.01
C ASP A 185 -42.46 27.31 -23.80
N TYR A 186 -42.08 27.72 -22.60
CA TYR A 186 -42.82 27.29 -21.41
C TYR A 186 -44.21 27.92 -21.37
N GLU A 187 -44.30 29.22 -21.69
CA GLU A 187 -45.58 29.91 -21.66
C GLU A 187 -46.49 29.55 -22.82
N LYS A 188 -45.99 28.82 -23.82
CA LYS A 188 -46.81 28.43 -24.95
C LYS A 188 -47.79 27.32 -24.62
N HIS A 189 -47.76 26.79 -23.40
CA HIS A 189 -48.65 25.70 -23.01
C HIS A 189 -49.09 25.92 -21.56
N LYS A 190 -49.99 25.06 -21.10
CA LYS A 190 -50.64 25.24 -19.80
C LYS A 190 -50.42 24.05 -18.87
N VAL A 191 -50.85 22.85 -19.27
CA VAL A 191 -50.79 21.67 -18.41
C VAL A 191 -49.43 21.01 -18.57
N TYR A 192 -48.83 20.62 -17.45
CA TYR A 192 -47.56 19.89 -17.41
C TYR A 192 -47.72 18.71 -16.47
N ALA A 193 -47.64 17.49 -17.01
CA ALA A 193 -47.83 16.28 -16.23
C ALA A 193 -46.60 15.39 -16.31
N CYS A 194 -46.52 14.45 -15.37
CA CYS A 194 -45.44 13.48 -15.29
C CYS A 194 -46.08 12.10 -15.07
N GLU A 195 -46.01 11.24 -16.08
CA GLU A 195 -46.57 9.89 -16.01
C GLU A 195 -45.48 8.89 -15.66
N VAL A 196 -45.83 7.95 -14.78
CA VAL A 196 -44.87 6.97 -14.26
C VAL A 196 -45.52 5.59 -14.23
N THR A 197 -44.84 4.62 -14.84
CA THR A 197 -45.23 3.22 -14.75
C THR A 197 -44.13 2.43 -14.06
N HIS A 198 -44.54 1.53 -13.16
CA HIS A 198 -43.59 0.77 -12.37
C HIS A 198 -44.21 -0.58 -12.05
N GLN A 199 -43.35 -1.51 -11.61
CA GLN A 199 -43.80 -2.86 -11.28
C GLN A 199 -44.85 -2.83 -10.16
N GLY A 200 -44.63 -1.99 -9.15
CA GLY A 200 -45.51 -1.88 -8.00
C GLY A 200 -46.69 -0.96 -8.18
N LEU A 201 -46.99 -0.56 -9.41
CA LEU A 201 -48.10 0.34 -9.70
C LEU A 201 -49.07 -0.39 -10.61
N SER A 202 -50.30 -0.62 -10.11
CA SER A 202 -51.31 -1.26 -10.92
C SER A 202 -51.74 -0.40 -12.11
N SER A 203 -51.67 0.92 -11.96
CA SER A 203 -52.02 1.86 -13.01
C SER A 203 -51.00 2.99 -13.05
N PRO A 204 -50.72 3.56 -14.22
CA PRO A 204 -49.77 4.67 -14.31
C PRO A 204 -50.23 5.87 -13.50
N VAL A 205 -49.37 6.32 -12.59
CA VAL A 205 -49.64 7.46 -11.74
C VAL A 205 -49.18 8.72 -12.46
N THR A 206 -50.05 9.74 -12.49
CA THR A 206 -49.75 10.99 -13.18
C THR A 206 -49.91 12.14 -12.19
N LYS A 207 -48.86 12.96 -12.08
CA LYS A 207 -48.90 14.19 -11.29
C LYS A 207 -48.79 15.36 -12.25
N SER A 208 -49.64 16.36 -12.08
CA SER A 208 -49.73 17.45 -13.03
C SER A 208 -50.01 18.76 -12.30
N PHE A 209 -49.75 19.86 -13.01
CA PHE A 209 -50.05 21.19 -12.50
C PHE A 209 -50.30 22.12 -13.69
N ASN A 210 -50.83 23.30 -13.39
CA ASN A 210 -51.19 24.29 -14.40
C ASN A 210 -50.32 25.53 -14.27
N ARG A 211 -49.70 25.94 -15.38
CA ARG A 211 -48.86 27.13 -15.37
C ARG A 211 -49.68 28.37 -15.06
N GLY A 212 -49.13 29.25 -14.25
CA GLY A 212 -49.83 30.42 -13.78
C GLY A 212 -50.65 30.20 -12.53
N GLU A 213 -51.00 28.95 -12.22
CA GLU A 213 -51.70 28.61 -10.98
C GLU A 213 -50.76 28.20 -9.86
N CYS A 214 -49.50 27.94 -10.16
CA CYS A 214 -48.56 27.50 -9.15
C CYS A 214 -47.36 28.43 -9.07
N GLU B 1 -8.42 9.27 15.87
CA GLU B 1 -8.13 8.20 14.92
C GLU B 1 -7.26 8.71 13.78
N VAL B 2 -6.82 7.79 12.93
CA VAL B 2 -5.99 8.16 11.79
C VAL B 2 -6.82 8.96 10.79
N GLN B 3 -6.30 10.12 10.40
CA GLN B 3 -7.00 11.01 9.47
C GLN B 3 -6.00 11.57 8.47
N LEU B 4 -6.38 11.55 7.18
CA LEU B 4 -5.56 12.10 6.10
C LEU B 4 -6.43 13.06 5.30
N VAL B 5 -6.02 14.33 5.24
CA VAL B 5 -6.80 15.38 4.62
C VAL B 5 -6.07 15.86 3.37
N GLU B 6 -6.71 15.69 2.21
CA GLU B 6 -6.18 16.15 0.94
C GLU B 6 -6.51 17.63 0.71
N SER B 7 -5.78 18.23 -0.21
CA SER B 7 -5.99 19.64 -0.55
C SER B 7 -5.22 19.92 -1.85
N GLY B 8 -5.56 21.06 -2.47
CA GLY B 8 -4.89 21.48 -3.68
C GLY B 8 -5.48 20.97 -4.97
N GLY B 9 -6.64 20.32 -4.93
CA GLY B 9 -7.28 19.88 -6.15
C GLY B 9 -8.05 20.99 -6.83
N GLY B 10 -8.48 20.71 -8.06
CA GLY B 10 -9.26 21.67 -8.82
C GLY B 10 -9.12 21.41 -10.32
N LEU B 11 -9.28 22.49 -11.09
CA LEU B 11 -9.29 22.44 -12.55
C LEU B 11 -8.07 23.19 -13.08
N VAL B 12 -7.36 22.57 -14.02
CA VAL B 12 -6.17 23.17 -14.61
C VAL B 12 -6.07 22.82 -16.09
N GLN B 13 -5.44 23.71 -16.86
CA GLN B 13 -5.28 23.51 -18.28
C GLN B 13 -4.25 22.41 -18.55
N PRO B 14 -4.34 21.75 -19.70
CA PRO B 14 -3.29 20.81 -20.09
C PRO B 14 -1.92 21.48 -20.12
N GLY B 15 -0.95 20.84 -19.48
CA GLY B 15 0.41 21.35 -19.43
C GLY B 15 0.75 22.19 -18.23
N ARG B 16 -0.21 22.46 -17.35
CA ARG B 16 0.02 23.28 -16.17
C ARG B 16 0.37 22.38 -14.99
N SER B 17 0.30 22.91 -13.77
CA SER B 17 0.77 22.16 -12.61
C SER B 17 -0.05 22.52 -11.39
N LEU B 18 -0.28 21.53 -10.53
CA LEU B 18 -0.79 21.79 -9.19
C LEU B 18 0.13 21.15 -8.16
N ARG B 19 -0.32 21.08 -6.90
N ARG B 19 -0.32 21.08 -6.90
CA ARG B 19 0.48 20.45 -5.85
CA ARG B 19 0.47 20.46 -5.85
C ARG B 19 -0.49 19.98 -4.76
C ARG B 19 -0.49 19.98 -4.76
N LEU B 20 -0.64 18.67 -4.63
CA LEU B 20 -1.52 18.12 -3.61
C LEU B 20 -0.80 18.04 -2.28
N SER B 21 -1.56 18.28 -1.21
CA SER B 21 -1.07 18.17 0.16
C SER B 21 -1.96 17.19 0.91
N CYS B 22 -1.34 16.25 1.60
CA CYS B 22 -2.03 15.24 2.40
C CYS B 22 -1.50 15.36 3.82
N ALA B 23 -2.31 15.95 4.71
CA ALA B 23 -1.92 16.17 6.09
C ALA B 23 -2.32 14.95 6.92
N ALA B 24 -1.32 14.30 7.53
CA ALA B 24 -1.57 13.12 8.33
C ALA B 24 -1.73 13.49 9.80
N SER B 25 -2.50 12.68 10.52
CA SER B 25 -2.76 12.91 11.93
C SER B 25 -3.27 11.61 12.54
N GLY B 26 -3.00 11.44 13.83
CA GLY B 26 -3.49 10.28 14.56
C GLY B 26 -2.60 9.06 14.52
N PHE B 27 -1.35 9.20 14.09
CA PHE B 27 -0.41 8.08 14.07
C PHE B 27 1.00 8.63 13.91
N ILE B 28 1.98 7.78 14.21
CA ILE B 28 3.38 8.15 14.06
C ILE B 28 3.70 8.22 12.56
N PHE B 29 3.79 9.43 12.03
CA PHE B 29 4.03 9.62 10.60
C PHE B 29 5.37 9.07 10.15
N ASP B 30 6.33 8.90 11.07
CA ASP B 30 7.69 8.50 10.74
C ASP B 30 7.87 7.00 10.54
N ASP B 31 6.90 6.19 10.94
CA ASP B 31 7.04 4.74 10.92
C ASP B 31 6.18 4.08 9.86
N TYR B 32 5.74 4.83 8.85
CA TYR B 32 4.88 4.27 7.81
C TYR B 32 5.18 4.94 6.48
N ALA B 33 5.18 4.14 5.42
CA ALA B 33 5.33 4.64 4.07
C ALA B 33 4.01 5.18 3.55
N MET B 34 4.08 6.16 2.64
CA MET B 34 2.91 6.84 2.12
C MET B 34 2.89 6.77 0.60
N HIS B 35 1.69 6.69 0.03
CA HIS B 35 1.51 6.54 -1.41
C HIS B 35 0.41 7.47 -1.90
N TRP B 36 0.38 7.67 -3.21
CA TRP B 36 -0.69 8.38 -3.90
C TRP B 36 -1.39 7.41 -4.84
N VAL B 37 -2.71 7.32 -4.72
CA VAL B 37 -3.49 6.40 -5.54
C VAL B 37 -4.64 7.18 -6.18
N ARG B 38 -4.76 7.08 -7.49
CA ARG B 38 -5.80 7.78 -8.23
C ARG B 38 -6.85 6.80 -8.71
N GLN B 39 -8.08 7.28 -8.83
CA GLN B 39 -9.20 6.48 -9.30
C GLN B 39 -9.67 7.07 -10.63
N VAL B 40 -9.26 6.44 -11.72
CA VAL B 40 -9.64 6.91 -13.06
C VAL B 40 -11.01 6.36 -13.40
N PRO B 41 -11.99 7.21 -13.76
CA PRO B 41 -13.36 6.72 -13.98
C PRO B 41 -13.48 5.71 -15.10
N GLY B 42 -12.53 5.68 -16.04
CA GLY B 42 -12.54 4.66 -17.06
C GLY B 42 -11.71 3.43 -16.73
N LYS B 43 -10.60 3.62 -16.01
CA LYS B 43 -9.70 2.52 -15.64
C LYS B 43 -10.06 1.89 -14.30
N GLY B 44 -10.12 2.72 -13.25
CA GLY B 44 -10.35 2.22 -11.90
C GLY B 44 -9.24 2.67 -10.97
N LEU B 45 -9.00 1.85 -9.94
CA LEU B 45 -7.94 2.15 -9.00
C LEU B 45 -6.58 1.88 -9.65
N GLU B 46 -5.62 2.77 -9.41
CA GLU B 46 -4.27 2.60 -9.94
C GLU B 46 -3.27 3.33 -9.03
N TRP B 47 -2.29 2.58 -8.53
CA TRP B 47 -1.23 3.17 -7.71
C TRP B 47 -0.37 4.09 -8.56
N VAL B 48 -0.24 5.35 -8.13
CA VAL B 48 0.48 6.36 -8.89
C VAL B 48 1.94 6.45 -8.46
N SER B 49 2.19 6.62 -7.17
CA SER B 49 3.54 6.79 -6.68
C SER B 49 3.59 6.45 -5.19
N GLY B 50 4.81 6.18 -4.72
CA GLY B 50 5.00 5.81 -3.33
C GLY B 50 6.34 6.29 -2.83
N ILE B 51 6.41 6.57 -1.53
CA ILE B 51 7.63 7.04 -0.89
C ILE B 51 7.85 6.25 0.39
N SER B 52 9.12 6.18 0.80
CA SER B 52 9.50 5.42 1.97
C SER B 52 9.33 6.28 3.23
N TRP B 53 9.72 5.73 4.37
CA TRP B 53 9.55 6.46 5.63
C TRP B 53 10.46 7.68 5.74
N ASN B 54 11.57 7.70 4.99
CA ASN B 54 12.54 8.78 5.09
C ASN B 54 12.96 9.26 3.71
N SER B 55 12.04 9.21 2.75
CA SER B 55 12.28 9.69 1.38
C SER B 55 13.45 8.97 0.72
N ASP B 56 13.66 7.71 1.10
CA ASP B 56 14.77 6.91 0.62
C ASP B 56 14.38 6.13 -0.65
N ASN B 57 13.28 5.37 -0.58
CA ASN B 57 12.78 4.62 -1.73
C ASN B 57 11.61 5.37 -2.35
N ILE B 58 11.72 5.64 -3.66
CA ILE B 58 10.69 6.35 -4.41
C ILE B 58 10.38 5.58 -5.68
N GLY B 59 9.10 5.33 -5.92
CA GLY B 59 8.67 4.61 -7.11
C GLY B 59 7.50 5.30 -7.78
N TYR B 60 7.53 5.34 -9.10
CA TYR B 60 6.51 5.97 -9.92
C TYR B 60 5.93 4.98 -10.91
N VAL B 61 4.64 5.15 -11.21
CA VAL B 61 4.02 4.40 -12.30
C VAL B 61 4.52 4.96 -13.63
N ASP B 62 4.64 4.07 -14.63
CA ASP B 62 5.28 4.45 -15.89
C ASP B 62 4.60 5.62 -16.58
N SER B 63 3.30 5.83 -16.34
CA SER B 63 2.57 6.90 -17.03
C SER B 63 2.98 8.27 -16.55
N VAL B 64 3.45 8.39 -15.31
CA VAL B 64 3.84 9.66 -14.72
C VAL B 64 5.35 9.77 -14.51
N LYS B 65 6.11 8.73 -14.83
CA LYS B 65 7.56 8.75 -14.65
C LYS B 65 8.18 9.87 -15.48
N GLY B 66 8.74 10.88 -14.81
CA GLY B 66 9.31 12.04 -15.47
C GLY B 66 8.45 13.28 -15.41
N ARG B 67 7.21 13.16 -14.94
CA ARG B 67 6.30 14.29 -14.82
C ARG B 67 5.83 14.54 -13.40
N PHE B 68 5.74 13.50 -12.57
CA PHE B 68 5.25 13.63 -11.21
C PHE B 68 6.40 13.48 -10.23
N THR B 69 6.29 14.18 -9.10
CA THR B 69 7.33 14.18 -8.08
C THR B 69 6.66 14.07 -6.71
N ILE B 70 7.13 13.11 -5.91
CA ILE B 70 6.53 12.84 -4.60
C ILE B 70 7.56 13.20 -3.53
N SER B 71 7.09 13.88 -2.48
CA SER B 71 7.95 14.28 -1.37
C SER B 71 7.11 14.27 -0.10
N ARG B 72 7.79 14.23 1.04
CA ARG B 72 7.11 14.23 2.33
C ARG B 72 7.86 15.13 3.31
N ASP B 73 7.14 15.59 4.33
CA ASP B 73 7.68 16.43 5.40
C ASP B 73 7.31 15.80 6.72
N ASN B 74 8.21 14.97 7.26
CA ASN B 74 7.94 14.28 8.51
C ASN B 74 7.83 15.23 9.69
N ALA B 75 8.42 16.42 9.59
CA ALA B 75 8.26 17.40 10.67
C ALA B 75 6.87 18.00 10.66
N LYS B 76 6.31 18.24 9.46
CA LYS B 76 4.98 18.82 9.33
C LYS B 76 3.89 17.76 9.18
N ASN B 77 4.25 16.48 9.07
CA ASN B 77 3.30 15.39 8.91
C ASN B 77 2.44 15.60 7.65
N SER B 78 3.12 15.81 6.53
CA SER B 78 2.44 16.10 5.28
C SER B 78 3.13 15.39 4.13
N LEU B 79 2.32 14.90 3.19
CA LEU B 79 2.80 14.28 1.96
C LEU B 79 2.38 15.14 0.78
N TYR B 80 3.29 15.36 -0.16
CA TYR B 80 3.04 16.22 -1.31
C TYR B 80 3.18 15.44 -2.61
N LEU B 81 2.57 15.98 -3.66
CA LEU B 81 2.69 15.41 -5.00
C LEU B 81 2.67 16.55 -6.00
N GLN B 82 3.73 16.64 -6.81
CA GLN B 82 3.92 17.73 -7.76
C GLN B 82 3.69 17.19 -9.17
N MET B 83 2.57 17.57 -9.78
CA MET B 83 2.24 17.13 -11.12
C MET B 83 2.71 18.16 -12.13
N ASN B 84 3.37 17.69 -13.18
CA ASN B 84 3.88 18.56 -14.23
C ASN B 84 3.42 18.04 -15.58
N SER B 85 3.25 18.96 -16.53
CA SER B 85 2.82 18.62 -17.88
C SER B 85 1.60 17.71 -17.85
N LEU B 86 0.55 18.21 -17.22
CA LEU B 86 -0.65 17.42 -17.01
C LEU B 86 -1.39 17.19 -18.33
N ARG B 87 -1.81 15.95 -18.55
CA ARG B 87 -2.59 15.58 -19.72
C ARG B 87 -4.03 15.30 -19.30
N ILE B 88 -4.92 15.27 -20.30
CA ILE B 88 -6.33 15.02 -20.01
C ILE B 88 -6.56 13.63 -19.43
N GLU B 89 -5.66 12.68 -19.72
CA GLU B 89 -5.76 11.35 -19.14
C GLU B 89 -5.40 11.31 -17.65
N ASP B 90 -4.88 12.40 -17.09
CA ASP B 90 -4.55 12.44 -15.67
C ASP B 90 -5.73 12.84 -14.79
N THR B 91 -6.92 12.98 -15.39
CA THR B 91 -8.12 13.35 -14.64
C THR B 91 -8.62 12.15 -13.84
N ALA B 92 -8.67 12.29 -12.52
CA ALA B 92 -9.09 11.21 -11.63
C ALA B 92 -9.23 11.77 -10.23
N LEU B 93 -9.59 10.89 -9.28
CA LEU B 93 -9.66 11.24 -7.87
C LEU B 93 -8.39 10.70 -7.20
N TYR B 94 -7.58 11.61 -6.64
CA TYR B 94 -6.26 11.26 -6.12
C TYR B 94 -6.33 11.03 -4.62
N TYR B 95 -6.27 9.76 -4.22
CA TYR B 95 -6.34 9.39 -2.82
C TYR B 95 -4.95 9.42 -2.18
N CYS B 96 -4.94 9.52 -0.86
CA CYS B 96 -3.71 9.48 -0.06
C CYS B 96 -3.77 8.23 0.79
N ALA B 97 -2.78 7.36 0.66
CA ALA B 97 -2.80 6.06 1.31
C ALA B 97 -1.54 5.83 2.13
N LYS B 98 -1.72 5.11 3.24
CA LYS B 98 -0.65 4.81 4.18
C LYS B 98 -0.55 3.29 4.35
N ALA B 99 0.68 2.78 4.30
CA ALA B 99 0.89 1.34 4.44
C ALA B 99 0.51 0.87 5.84
N PHE B 100 0.10 -0.39 5.93
CA PHE B 100 -0.32 -0.98 7.20
C PHE B 100 0.84 -1.73 7.85
N GLY B 101 0.56 -2.28 9.04
CA GLY B 101 1.50 -3.15 9.73
C GLY B 101 2.84 -2.50 10.01
N SER B 102 3.89 -3.03 9.38
CA SER B 102 5.25 -2.58 9.63
C SER B 102 5.61 -1.31 8.87
N GLY B 103 4.66 -0.70 8.16
CA GLY B 103 4.95 0.49 7.40
C GLY B 103 5.91 0.27 6.24
N SER B 104 5.94 -0.94 5.70
CA SER B 104 6.87 -1.26 4.63
C SER B 104 6.47 -0.57 3.34
N TYR B 105 7.46 -0.32 2.47
CA TYR B 105 7.19 0.29 1.18
C TYR B 105 6.42 -0.64 0.26
N TYR B 106 6.55 -1.95 0.46
CA TYR B 106 5.90 -2.95 -0.36
C TYR B 106 4.63 -3.50 0.29
N ASN B 107 4.06 -2.77 1.24
CA ASN B 107 2.85 -3.17 1.93
C ASN B 107 1.64 -2.47 1.32
N GLY B 108 0.48 -3.10 1.48
CA GLY B 108 -0.78 -2.47 1.12
C GLY B 108 -1.16 -1.39 2.12
N PHE B 109 -2.30 -0.77 1.85
CA PHE B 109 -2.77 0.38 2.61
C PHE B 109 -3.92 0.01 3.54
N ASP B 110 -3.97 0.69 4.69
CA ASP B 110 -5.03 0.49 5.65
C ASP B 110 -5.86 1.74 5.93
N TYR B 111 -5.46 2.90 5.43
CA TYR B 111 -6.21 4.13 5.64
C TYR B 111 -6.09 5.01 4.40
N TRP B 112 -7.23 5.47 3.88
CA TRP B 112 -7.28 6.33 2.70
C TRP B 112 -7.84 7.68 3.08
N GLY B 113 -7.40 8.71 2.37
CA GLY B 113 -7.90 10.05 2.58
C GLY B 113 -9.24 10.27 1.88
N GLN B 114 -9.74 11.50 2.02
CA GLN B 114 -11.02 11.83 1.42
C GLN B 114 -10.95 11.99 -0.09
N GLY B 115 -9.73 12.14 -0.64
CA GLY B 115 -9.57 12.31 -2.07
C GLY B 115 -9.56 13.77 -2.48
N ALA B 116 -8.93 14.04 -3.62
CA ALA B 116 -8.82 15.39 -4.17
C ALA B 116 -9.03 15.32 -5.68
N LEU B 117 -10.15 15.85 -6.15
CA LEU B 117 -10.50 15.73 -7.56
C LEU B 117 -9.66 16.67 -8.42
N VAL B 118 -9.04 16.12 -9.46
CA VAL B 118 -8.23 16.88 -10.41
C VAL B 118 -8.87 16.72 -11.79
N THR B 119 -9.32 17.84 -12.36
CA THR B 119 -9.91 17.87 -13.68
C THR B 119 -9.01 18.67 -14.61
N VAL B 120 -8.48 18.02 -15.65
CA VAL B 120 -7.59 18.65 -16.61
C VAL B 120 -8.39 18.92 -17.88
N SER B 121 -8.70 20.19 -18.13
CA SER B 121 -9.50 20.57 -19.29
C SER B 121 -9.27 22.05 -19.59
N SER B 122 -9.73 22.46 -20.77
CA SER B 122 -9.60 23.84 -21.22
C SER B 122 -10.82 24.70 -20.91
N ALA B 123 -11.92 24.09 -20.46
CA ALA B 123 -13.12 24.85 -20.16
C ALA B 123 -12.96 25.69 -18.91
N SER B 124 -13.63 26.85 -18.90
CA SER B 124 -13.50 27.79 -17.79
C SER B 124 -14.40 27.41 -16.63
N THR B 125 -14.08 27.94 -15.47
CA THR B 125 -14.87 27.72 -14.27
C THR B 125 -16.18 28.51 -14.35
N LYS B 126 -17.29 27.86 -14.06
CA LYS B 126 -18.60 28.49 -14.09
C LYS B 126 -19.33 28.17 -12.80
N GLY B 127 -19.77 29.20 -12.10
CA GLY B 127 -20.46 29.04 -10.84
C GLY B 127 -21.89 28.59 -11.05
N PRO B 128 -22.46 27.92 -10.06
CA PRO B 128 -23.81 27.37 -10.22
C PRO B 128 -24.88 28.41 -9.92
N SER B 129 -26.13 28.00 -10.14
CA SER B 129 -27.31 28.78 -9.79
C SER B 129 -28.22 27.88 -8.98
N VAL B 130 -28.62 28.34 -7.79
CA VAL B 130 -29.47 27.57 -6.90
C VAL B 130 -30.90 28.08 -7.02
N PHE B 131 -31.81 27.18 -7.39
CA PHE B 131 -33.23 27.49 -7.48
C PHE B 131 -34.03 26.60 -6.54
N PRO B 132 -35.03 27.15 -5.85
CA PRO B 132 -35.75 26.35 -4.86
C PRO B 132 -36.82 25.47 -5.50
N LEU B 133 -36.79 24.19 -5.14
CA LEU B 133 -37.88 23.26 -5.47
C LEU B 133 -38.89 23.37 -4.32
N ALA B 134 -39.82 24.31 -4.46
CA ALA B 134 -40.75 24.61 -3.37
C ALA B 134 -41.80 23.51 -3.23
N PRO B 135 -42.15 23.14 -2.01
CA PRO B 135 -43.21 22.14 -1.82
C PRO B 135 -44.59 22.75 -2.03
N SER B 136 -45.52 21.89 -2.42
CA SER B 136 -46.89 22.31 -2.69
C SER B 136 -47.78 21.07 -2.59
N SER B 137 -49.07 21.27 -2.81
CA SER B 137 -50.00 20.15 -2.85
C SER B 137 -49.62 19.12 -3.91
N LYS B 138 -48.88 19.52 -4.95
CA LYS B 138 -48.45 18.59 -5.97
C LYS B 138 -47.19 17.81 -5.59
N SER B 139 -46.59 18.12 -4.44
CA SER B 139 -45.41 17.41 -3.95
C SER B 139 -45.69 16.78 -2.58
N THR B 140 -46.90 16.29 -2.37
CA THR B 140 -47.28 15.60 -1.16
C THR B 140 -47.90 14.26 -1.50
N SER B 141 -47.99 13.38 -0.50
CA SER B 141 -48.62 12.08 -0.67
C SER B 141 -49.07 11.60 0.71
N GLY B 142 -50.14 12.23 1.21
CA GLY B 142 -50.76 11.83 2.46
C GLY B 142 -49.85 11.95 3.66
N GLY B 143 -49.77 13.15 4.23
CA GLY B 143 -48.96 13.40 5.40
C GLY B 143 -47.48 13.58 5.14
N THR B 144 -46.99 13.22 3.96
CA THR B 144 -45.57 13.32 3.63
C THR B 144 -45.40 14.36 2.53
N ALA B 145 -44.53 15.34 2.79
CA ALA B 145 -44.20 16.35 1.78
C ALA B 145 -42.83 16.06 1.16
N ALA B 146 -42.49 16.87 0.16
CA ALA B 146 -41.23 16.73 -0.56
C ALA B 146 -40.79 18.10 -1.04
N LEU B 147 -39.58 18.50 -0.64
CA LEU B 147 -39.00 19.78 -1.02
C LEU B 147 -37.54 19.55 -1.39
N GLY B 148 -36.91 20.56 -1.97
CA GLY B 148 -35.54 20.37 -2.41
C GLY B 148 -34.94 21.66 -2.97
N CYS B 149 -33.76 21.48 -3.56
CA CYS B 149 -32.99 22.57 -4.16
C CYS B 149 -32.42 22.11 -5.49
N LEU B 150 -32.28 23.05 -6.42
CA LEU B 150 -31.79 22.76 -7.75
C LEU B 150 -30.50 23.52 -7.97
N VAL B 151 -29.45 22.81 -8.36
CA VAL B 151 -28.15 23.39 -8.65
C VAL B 151 -27.93 23.25 -10.14
N LYS B 152 -27.96 24.38 -10.85
CA LYS B 152 -28.02 24.43 -12.31
C LYS B 152 -26.81 25.13 -12.88
N ASP B 153 -26.25 24.57 -13.95
CA ASP B 153 -25.21 25.20 -14.76
C ASP B 153 -23.94 25.52 -13.98
N TYR B 154 -23.11 24.52 -13.72
CA TYR B 154 -21.82 24.72 -13.07
C TYR B 154 -20.76 23.87 -13.73
N PHE B 155 -19.51 24.27 -13.56
CA PHE B 155 -18.38 23.53 -14.08
C PHE B 155 -17.10 23.82 -13.30
N PRO B 156 -16.33 22.80 -12.92
CA PRO B 156 -16.56 21.37 -13.14
C PRO B 156 -17.22 20.69 -11.95
N GLU B 157 -17.10 19.38 -11.82
CA GLU B 157 -17.56 18.68 -10.64
C GLU B 157 -16.56 18.89 -9.51
N PRO B 158 -16.99 18.73 -8.24
CA PRO B 158 -18.32 18.38 -7.77
C PRO B 158 -19.03 19.55 -7.11
N VAL B 159 -20.23 19.27 -6.61
CA VAL B 159 -21.01 20.24 -5.86
C VAL B 159 -21.58 19.50 -4.66
N THR B 160 -21.31 20.00 -3.46
CA THR B 160 -21.84 19.39 -2.25
C THR B 160 -23.03 20.20 -1.76
N VAL B 161 -24.04 19.50 -1.25
CA VAL B 161 -25.26 20.13 -0.75
C VAL B 161 -25.52 19.58 0.64
N SER B 162 -25.64 20.49 1.62
CA SER B 162 -26.04 20.16 2.97
C SER B 162 -27.29 20.94 3.34
N TRP B 163 -28.09 20.39 4.24
CA TRP B 163 -29.39 20.95 4.63
C TRP B 163 -29.37 21.34 6.10
N ASN B 164 -29.74 22.59 6.39
CA ASN B 164 -29.79 23.12 7.76
C ASN B 164 -28.43 23.02 8.45
N SER B 165 -27.38 23.43 7.73
CA SER B 165 -26.01 23.43 8.21
C SER B 165 -25.55 22.05 8.66
N GLY B 166 -26.09 21.00 8.02
CA GLY B 166 -25.72 19.64 8.32
C GLY B 166 -26.58 18.96 9.36
N ALA B 167 -27.49 19.68 10.00
CA ALA B 167 -28.32 19.11 11.05
C ALA B 167 -29.54 18.38 10.53
N LEU B 168 -29.73 18.32 9.20
CA LEU B 168 -30.87 17.63 8.60
C LEU B 168 -30.32 16.63 7.59
N THR B 169 -30.30 15.35 7.96
CA THR B 169 -29.80 14.31 7.08
C THR B 169 -30.83 13.25 6.74
N SER B 170 -31.80 13.00 7.62
CA SER B 170 -32.80 11.97 7.36
C SER B 170 -33.62 12.30 6.12
N GLY B 171 -33.75 11.34 5.22
CA GLY B 171 -34.58 11.51 4.04
C GLY B 171 -33.99 12.35 2.94
N VAL B 172 -32.71 12.71 3.00
CA VAL B 172 -32.09 13.55 2.00
C VAL B 172 -31.58 12.68 0.86
N HIS B 173 -31.81 13.14 -0.38
CA HIS B 173 -31.34 12.47 -1.58
C HIS B 173 -30.70 13.52 -2.48
N THR B 174 -29.38 13.42 -2.69
CA THR B 174 -28.68 14.33 -3.58
C THR B 174 -28.33 13.56 -4.85
N PHE B 175 -28.96 13.92 -5.97
CA PHE B 175 -28.82 13.14 -7.18
C PHE B 175 -27.46 13.39 -7.82
N PRO B 176 -26.88 12.39 -8.47
CA PRO B 176 -25.66 12.61 -9.25
C PRO B 176 -25.91 13.62 -10.35
N ALA B 177 -24.86 14.38 -10.69
CA ALA B 177 -24.99 15.41 -11.70
C ALA B 177 -25.26 14.81 -13.07
N VAL B 178 -25.86 15.61 -13.95
CA VAL B 178 -26.05 15.25 -15.35
C VAL B 178 -25.32 16.27 -16.22
N LEU B 179 -24.98 15.84 -17.43
CA LEU B 179 -24.31 16.70 -18.41
C LEU B 179 -25.36 17.25 -19.38
N GLN B 180 -25.44 18.57 -19.48
CA GLN B 180 -26.30 19.23 -20.43
C GLN B 180 -25.57 19.45 -21.75
N SER B 181 -26.33 19.80 -22.79
CA SER B 181 -25.74 19.96 -24.11
C SER B 181 -24.73 21.10 -24.16
N SER B 182 -24.77 22.01 -23.19
CA SER B 182 -23.87 23.15 -23.12
C SER B 182 -22.57 22.83 -22.39
N GLY B 183 -22.36 21.57 -22.00
CA GLY B 183 -21.15 21.19 -21.30
C GLY B 183 -21.19 21.40 -19.81
N LEU B 184 -22.19 22.09 -19.29
CA LEU B 184 -22.29 22.38 -17.85
C LEU B 184 -23.11 21.30 -17.16
N TYR B 185 -22.87 21.16 -15.86
CA TYR B 185 -23.51 20.13 -15.07
C TYR B 185 -24.72 20.68 -14.33
N SER B 186 -25.52 19.75 -13.79
CA SER B 186 -26.70 20.12 -13.01
C SER B 186 -27.08 18.96 -12.11
N LEU B 187 -27.59 19.29 -10.93
CA LEU B 187 -28.08 18.29 -9.99
C LEU B 187 -29.19 18.92 -9.15
N SER B 188 -29.94 18.05 -8.47
CA SER B 188 -30.97 18.46 -7.53
C SER B 188 -30.86 17.63 -6.26
N SER B 189 -31.12 18.26 -5.12
CA SER B 189 -31.11 17.60 -3.83
C SER B 189 -32.46 17.83 -3.17
N VAL B 190 -33.11 16.74 -2.77
CA VAL B 190 -34.46 16.81 -2.19
C VAL B 190 -34.44 16.18 -0.80
N VAL B 191 -35.53 16.39 -0.08
CA VAL B 191 -35.70 15.81 1.25
C VAL B 191 -37.19 15.67 1.50
N THR B 192 -37.59 14.55 2.11
CA THR B 192 -38.98 14.28 2.43
C THR B 192 -39.22 14.54 3.91
N VAL B 193 -40.22 15.38 4.20
CA VAL B 193 -40.50 15.82 5.58
C VAL B 193 -41.98 15.62 5.88
N PRO B 194 -42.43 15.76 7.14
CA PRO B 194 -43.87 15.65 7.40
C PRO B 194 -44.60 16.83 6.78
N SER B 195 -45.71 16.52 6.12
CA SER B 195 -46.49 17.57 5.48
C SER B 195 -47.03 18.56 6.49
N SER B 196 -47.24 18.14 7.74
CA SER B 196 -47.67 19.05 8.79
C SER B 196 -46.54 19.96 9.25
N SER B 197 -45.29 19.55 9.09
CA SER B 197 -44.17 20.38 9.50
C SER B 197 -43.75 21.29 8.37
N LEU B 198 -44.73 21.95 7.75
CA LEU B 198 -44.52 22.82 6.60
C LEU B 198 -45.05 24.20 6.94
N GLY B 199 -44.16 25.18 6.95
CA GLY B 199 -44.51 26.52 7.36
C GLY B 199 -44.15 26.84 8.80
N THR B 200 -43.97 25.83 9.65
CA THR B 200 -43.51 26.04 11.01
C THR B 200 -42.04 25.69 11.20
N GLN B 201 -41.50 24.78 10.40
CA GLN B 201 -40.09 24.44 10.43
C GLN B 201 -39.35 25.18 9.31
N THR B 202 -38.03 25.22 9.42
CA THR B 202 -37.18 25.92 8.46
C THR B 202 -36.30 24.92 7.73
N TYR B 203 -36.20 25.07 6.42
CA TYR B 203 -35.37 24.21 5.57
C TYR B 203 -34.51 25.09 4.69
N ILE B 204 -33.19 25.02 4.87
CA ILE B 204 -32.23 25.80 4.09
C ILE B 204 -31.16 24.87 3.56
N CYS B 205 -30.99 24.86 2.23
CA CYS B 205 -29.95 24.04 1.62
C CYS B 205 -28.67 24.87 1.49
N ASN B 206 -27.56 24.26 1.83
CA ASN B 206 -26.25 24.90 1.76
C ASN B 206 -25.51 24.25 0.59
N VAL B 207 -25.33 25.02 -0.49
CA VAL B 207 -24.69 24.51 -1.70
C VAL B 207 -23.26 25.02 -1.75
N ASN B 208 -22.34 24.14 -2.12
CA ASN B 208 -20.92 24.48 -2.14
C ASN B 208 -20.35 24.14 -3.52
N HIS B 209 -19.55 25.06 -4.06
CA HIS B 209 -18.80 24.79 -5.29
C HIS B 209 -17.40 25.35 -5.10
N LYS B 210 -16.42 24.46 -4.89
CA LYS B 210 -15.07 24.92 -4.57
C LYS B 210 -14.41 25.67 -5.73
N PRO B 211 -14.36 25.15 -6.96
CA PRO B 211 -13.61 25.85 -8.02
C PRO B 211 -14.12 27.25 -8.32
N SER B 212 -15.36 27.57 -7.98
CA SER B 212 -15.90 28.90 -8.22
C SER B 212 -16.06 29.72 -6.95
N ASN B 213 -15.67 29.19 -5.78
CA ASN B 213 -15.78 29.90 -4.51
C ASN B 213 -17.23 30.30 -4.23
N THR B 214 -18.13 29.34 -4.39
CA THR B 214 -19.57 29.57 -4.25
C THR B 214 -20.06 28.90 -2.97
N LYS B 215 -20.67 29.70 -2.09
CA LYS B 215 -21.28 29.20 -0.86
C LYS B 215 -22.61 29.93 -0.68
N VAL B 216 -23.72 29.23 -0.96
CA VAL B 216 -25.04 29.84 -1.04
C VAL B 216 -26.00 29.10 -0.11
N ASP B 217 -26.75 29.86 0.68
CA ASP B 217 -27.84 29.34 1.50
C ASP B 217 -29.17 29.82 0.92
N LYS B 218 -30.09 28.90 0.66
CA LYS B 218 -31.36 29.23 0.03
C LYS B 218 -32.50 28.68 0.88
N ARG B 219 -33.38 29.57 1.32
CA ARG B 219 -34.56 29.17 2.07
C ARG B 219 -35.60 28.58 1.12
N VAL B 220 -36.20 27.47 1.54
CA VAL B 220 -37.22 26.80 0.73
C VAL B 220 -38.57 26.94 1.41
N GLU B 221 -39.32 28.00 1.05
CA GLU B 221 -40.66 28.22 1.58
C GLU B 221 -41.69 27.56 0.66
N PRO B 222 -42.80 27.07 1.22
CA PRO B 222 -43.80 26.41 0.39
C PRO B 222 -44.47 27.36 -0.59
N LYS B 223 -44.70 26.86 -1.80
CA LYS B 223 -45.45 27.59 -2.82
C LYS B 223 -46.91 27.20 -2.71
N SER B 224 -47.74 28.13 -2.22
CA SER B 224 -49.16 27.85 -1.97
C SER B 224 -49.88 27.49 -3.26
N CYS B 225 -49.85 26.21 -3.63
CA CYS B 225 -50.53 25.75 -4.83
C CYS B 225 -50.77 24.24 -4.80
N VAL C 1 24.68 -12.91 20.66
CA VAL C 1 23.79 -13.93 20.10
C VAL C 1 22.70 -14.29 21.09
N VAL C 2 21.45 -14.18 20.66
CA VAL C 2 20.30 -14.52 21.49
C VAL C 2 19.92 -15.97 21.23
N GLY C 3 19.80 -16.75 22.29
CA GLY C 3 19.43 -18.15 22.15
C GLY C 3 20.48 -18.99 21.45
N GLY C 4 21.76 -18.72 21.72
CA GLY C 4 22.84 -19.45 21.09
C GLY C 4 23.53 -20.43 22.02
N GLU C 5 24.21 -21.41 21.45
CA GLU C 5 24.91 -22.41 22.23
C GLU C 5 26.38 -22.02 22.40
N ASP C 6 26.98 -22.54 23.46
CA ASP C 6 28.40 -22.27 23.71
C ASP C 6 29.26 -22.94 22.65
N ALA C 7 30.28 -22.22 22.18
CA ALA C 7 31.18 -22.72 21.16
C ALA C 7 32.34 -23.46 21.82
N LYS C 8 32.64 -24.66 21.32
CA LYS C 8 33.77 -25.41 21.83
C LYS C 8 35.08 -24.76 21.37
N PRO C 9 36.14 -24.87 22.17
CA PRO C 9 37.44 -24.30 21.77
C PRO C 9 37.94 -24.88 20.47
N GLY C 10 38.02 -24.05 19.42
CA GLY C 10 38.47 -24.48 18.12
C GLY C 10 37.37 -24.76 17.11
N GLN C 11 36.11 -24.65 17.51
CA GLN C 11 35.01 -24.94 16.59
C GLN C 11 34.89 -23.89 15.50
N PHE C 12 35.27 -22.65 15.79
CA PHE C 12 35.23 -21.55 14.83
C PHE C 12 36.58 -20.83 14.86
N PRO C 13 37.62 -21.46 14.31
CA PRO C 13 38.96 -20.86 14.36
C PRO C 13 39.09 -19.57 13.56
N TRP C 14 38.13 -19.27 12.68
CA TRP C 14 38.17 -18.04 11.90
C TRP C 14 37.62 -16.84 12.67
N GLN C 15 37.08 -17.04 13.85
CA GLN C 15 36.48 -15.95 14.60
C GLN C 15 37.54 -14.99 15.11
N VAL C 16 37.20 -13.70 15.11
CA VAL C 16 38.11 -12.64 15.54
C VAL C 16 37.29 -11.59 16.26
N VAL C 17 37.77 -11.16 17.44
CA VAL C 17 37.14 -10.10 18.20
C VAL C 17 37.84 -8.78 17.87
N LEU C 18 37.11 -7.68 18.04
CA LEU C 18 37.63 -6.35 17.81
C LEU C 18 37.57 -5.58 19.12
N ASN C 19 38.67 -4.90 19.46
CA ASN C 19 38.73 -4.08 20.67
C ASN C 19 39.15 -2.68 20.30
N GLY C 20 38.58 -1.70 21.00
CA GLY C 20 38.94 -0.31 20.77
C GLY C 20 38.51 0.59 21.91
N LYS C 21 37.56 1.50 21.61
CA LYS C 21 37.01 2.34 22.67
C LYS C 21 36.30 1.51 23.74
N VAL C 22 35.68 0.41 23.34
CA VAL C 22 35.03 -0.53 24.25
C VAL C 22 35.51 -1.93 23.90
N ASP C 23 35.93 -2.68 24.91
CA ASP C 23 36.45 -4.01 24.67
C ASP C 23 35.36 -4.95 24.16
N ALA C 24 35.68 -5.73 23.13
CA ALA C 24 34.78 -6.71 22.53
C ALA C 24 33.48 -6.04 22.08
N PHE C 25 33.61 -5.14 21.11
CA PHE C 25 32.47 -4.41 20.58
C PHE C 25 32.00 -4.92 19.23
N CYS C 26 32.86 -5.56 18.45
CA CYS C 26 32.49 -6.07 17.14
C CYS C 26 33.31 -7.32 16.84
N GLY C 27 32.86 -8.08 15.84
CA GLY C 27 33.52 -9.28 15.41
C GLY C 27 34.24 -9.12 14.07
N GLY C 28 34.86 -10.22 13.64
CA GLY C 28 35.59 -10.24 12.39
C GLY C 28 35.92 -11.66 11.98
N SER C 29 36.44 -11.79 10.77
CA SER C 29 36.81 -13.09 10.22
C SER C 29 38.17 -12.99 9.53
N ILE C 30 38.94 -14.08 9.61
CA ILE C 30 40.29 -14.12 9.05
C ILE C 30 40.22 -14.44 7.57
N VAL C 31 40.75 -13.54 6.74
CA VAL C 31 40.86 -13.80 5.30
C VAL C 31 42.11 -14.62 5.01
N ASN C 32 43.26 -14.10 5.42
CA ASN C 32 44.52 -14.84 5.40
C ASN C 32 45.33 -14.40 6.61
N GLU C 33 46.64 -14.59 6.55
CA GLU C 33 47.51 -14.27 7.68
C GLU C 33 47.64 -12.77 7.92
N LYS C 34 47.07 -11.92 7.06
CA LYS C 34 47.28 -10.48 7.17
C LYS C 34 46.01 -9.65 7.12
N TRP C 35 44.86 -10.21 6.76
CA TRP C 35 43.68 -9.41 6.48
C TRP C 35 42.46 -9.97 7.22
N ILE C 36 41.62 -9.05 7.70
CA ILE C 36 40.42 -9.36 8.46
C ILE C 36 39.25 -8.66 7.80
N VAL C 37 38.08 -9.33 7.75
CA VAL C 37 36.85 -8.74 7.24
C VAL C 37 35.94 -8.40 8.41
N THR C 38 35.22 -7.29 8.29
CA THR C 38 34.28 -6.85 9.32
C THR C 38 33.31 -5.86 8.70
N ALA C 39 32.23 -5.57 9.43
CA ALA C 39 31.26 -4.59 8.97
C ALA C 39 31.86 -3.19 8.98
N ALA C 40 31.53 -2.41 7.97
CA ALA C 40 32.10 -1.06 7.86
C ALA C 40 31.62 -0.15 8.98
N HIS C 41 30.43 -0.41 9.52
CA HIS C 41 29.92 0.44 10.60
C HIS C 41 30.60 0.17 11.94
N CYS C 42 31.44 -0.87 12.02
CA CYS C 42 32.17 -1.14 13.26
C CYS C 42 33.44 -0.30 13.39
N VAL C 43 33.98 0.20 12.27
CA VAL C 43 35.19 1.00 12.27
C VAL C 43 34.95 2.22 11.40
N GLU C 44 35.02 3.40 12.02
CA GLU C 44 34.75 4.66 11.34
C GLU C 44 36.07 5.40 11.11
N THR C 45 36.00 6.72 10.99
CA THR C 45 37.17 7.54 10.70
C THR C 45 38.01 7.69 11.97
N GLY C 46 39.30 7.36 11.85
CA GLY C 46 40.23 7.49 12.96
C GLY C 46 39.85 6.63 14.15
N VAL C 47 40.09 5.33 14.05
CA VAL C 47 39.67 4.36 15.05
C VAL C 47 40.89 3.60 15.54
N LYS C 48 41.01 3.45 16.85
CA LYS C 48 42.13 2.76 17.47
C LYS C 48 41.67 1.34 17.79
N ILE C 49 41.92 0.42 16.86
CA ILE C 49 41.45 -0.95 16.94
C ILE C 49 42.62 -1.90 17.10
N THR C 50 42.39 -2.97 17.87
CA THR C 50 43.30 -4.09 17.97
C THR C 50 42.51 -5.36 17.73
N VAL C 51 43.14 -6.34 17.08
CA VAL C 51 42.50 -7.57 16.67
C VAL C 51 43.07 -8.72 17.49
N VAL C 52 42.19 -9.50 18.10
CA VAL C 52 42.57 -10.67 18.87
C VAL C 52 41.95 -11.89 18.21
N ALA C 53 42.78 -12.88 17.88
CA ALA C 53 42.36 -14.11 17.23
C ALA C 53 42.55 -15.28 18.19
N GLY C 54 41.91 -16.40 17.85
CA GLY C 54 42.01 -17.60 18.68
C GLY C 54 41.45 -17.43 20.08
N GLU C 55 40.31 -16.76 20.20
CA GLU C 55 39.70 -16.44 21.48
C GLU C 55 38.50 -17.34 21.74
N HIS C 56 38.36 -17.78 22.99
CA HIS C 56 37.21 -18.55 23.43
C HIS C 56 36.48 -17.85 24.57
N ASN C 57 37.12 -17.66 25.71
CA ASN C 57 36.59 -16.86 26.81
C ASN C 57 37.29 -15.52 26.82
N ILE C 58 36.52 -14.43 26.91
CA ILE C 58 37.10 -13.09 26.82
C ILE C 58 38.00 -12.80 28.00
N GLU C 59 37.50 -13.04 29.23
CA GLU C 59 38.25 -12.67 30.42
C GLU C 59 39.30 -13.69 30.81
N GLU C 60 39.21 -14.92 30.30
CA GLU C 60 40.17 -15.95 30.61
C GLU C 60 41.32 -15.95 29.62
N THR C 61 42.46 -16.50 30.05
CA THR C 61 43.65 -16.59 29.21
C THR C 61 43.92 -18.06 28.93
N GLU C 62 43.69 -18.47 27.68
CA GLU C 62 43.89 -19.86 27.27
C GLU C 62 45.15 -20.05 26.43
N HIS C 63 46.00 -19.02 26.34
CA HIS C 63 47.32 -19.10 25.70
C HIS C 63 47.21 -19.36 24.21
N THR C 64 46.00 -19.46 23.66
CA THR C 64 45.80 -19.67 22.24
C THR C 64 45.57 -18.38 21.48
N GLU C 65 45.60 -17.23 22.17
CA GLU C 65 45.26 -15.96 21.54
C GLU C 65 46.46 -15.39 20.78
N GLN C 66 46.15 -14.57 19.77
CA GLN C 66 47.18 -13.86 19.00
C GLN C 66 46.69 -12.43 18.82
N LYS C 67 47.26 -11.51 19.61
CA LYS C 67 46.84 -10.12 19.59
C LYS C 67 47.66 -9.35 18.56
N ARG C 68 46.97 -8.60 17.70
CA ARG C 68 47.61 -7.77 16.70
C ARG C 68 46.91 -6.42 16.65
N ASN C 69 47.52 -5.49 15.93
CA ASN C 69 46.97 -4.14 15.75
C ASN C 69 46.69 -3.90 14.27
N VAL C 70 45.71 -3.03 14.01
CA VAL C 70 45.38 -2.65 12.64
C VAL C 70 46.29 -1.51 12.21
N ILE C 71 46.74 -1.56 10.95
CA ILE C 71 47.60 -0.52 10.40
C ILE C 71 47.05 0.08 9.12
N ARG C 72 45.93 -0.44 8.61
CA ARG C 72 45.34 0.08 7.38
C ARG C 72 43.87 -0.36 7.35
N ILE C 73 42.96 0.60 7.42
CA ILE C 73 41.53 0.32 7.40
C ILE C 73 41.03 0.54 5.98
N ILE C 74 40.49 -0.52 5.38
CA ILE C 74 40.00 -0.43 4.00
C ILE C 74 38.48 -0.57 4.03
N PRO C 75 37.74 0.52 3.91
CA PRO C 75 36.29 0.39 3.73
C PRO C 75 35.91 0.41 2.26
N HIS C 76 34.74 -0.14 1.93
CA HIS C 76 34.30 -0.16 0.54
C HIS C 76 34.08 1.25 0.03
N HIS C 77 34.42 1.48 -1.24
CA HIS C 77 34.29 2.82 -1.81
C HIS C 77 32.83 3.28 -1.87
N ASN C 78 31.89 2.36 -2.03
CA ASN C 78 30.48 2.71 -2.11
C ASN C 78 29.84 2.91 -0.74
N TYR C 79 30.61 2.83 0.34
CA TYR C 79 30.05 3.02 1.67
C TYR C 79 30.02 4.49 2.03
N ASN C 80 28.85 4.95 2.50
CA ASN C 80 28.68 6.34 2.91
C ASN C 80 27.93 6.34 4.24
N ALA C 81 28.64 6.68 5.32
CA ALA C 81 27.99 6.74 6.63
C ALA C 81 26.94 7.82 6.70
N ALA C 82 27.06 8.88 5.89
CA ALA C 82 26.11 9.98 5.92
C ALA C 82 24.80 9.62 5.23
N ILE C 83 24.82 8.69 4.27
CA ILE C 83 23.62 8.27 3.57
C ILE C 83 22.96 7.12 4.34
N ASN C 84 23.58 5.95 4.32
CA ASN C 84 23.04 4.77 4.99
C ASN C 84 24.14 4.07 5.78
N LYS C 85 23.82 3.68 7.02
CA LYS C 85 24.86 3.20 7.90
C LYS C 85 25.21 1.75 7.61
N TYR C 86 24.42 1.09 6.75
CA TYR C 86 24.59 -0.33 6.42
C TYR C 86 24.56 -0.60 4.92
N ASN C 87 24.53 0.43 4.08
CA ASN C 87 24.64 0.20 2.65
C ASN C 87 26.09 -0.09 2.32
N HIS C 88 26.35 -1.27 1.75
CA HIS C 88 27.71 -1.74 1.47
C HIS C 88 28.53 -1.82 2.76
N ASP C 89 28.04 -2.64 3.69
CA ASP C 89 28.65 -2.80 5.02
C ASP C 89 29.74 -3.87 4.93
N ILE C 90 30.96 -3.45 4.62
CA ILE C 90 32.09 -4.36 4.54
C ILE C 90 33.36 -3.54 4.74
N ALA C 91 34.41 -4.20 5.23
CA ALA C 91 35.66 -3.51 5.53
C ALA C 91 36.79 -4.53 5.59
N LEU C 92 38.00 -4.05 5.37
CA LEU C 92 39.21 -4.87 5.40
C LEU C 92 40.18 -4.30 6.43
N LEU C 93 40.77 -5.19 7.23
CA LEU C 93 41.67 -4.82 8.31
C LEU C 93 43.03 -5.47 8.06
N GLU C 94 44.04 -4.65 7.73
CA GLU C 94 45.40 -5.13 7.54
C GLU C 94 46.15 -5.04 8.86
N LEU C 95 46.73 -6.16 9.29
CA LEU C 95 47.42 -6.23 10.56
C LEU C 95 48.87 -5.78 10.42
N ASP C 96 49.47 -5.43 11.56
CA ASP C 96 50.84 -4.92 11.55
C ASP C 96 51.83 -6.01 11.15
N GLU C 97 51.62 -7.23 11.64
CA GLU C 97 52.51 -8.35 11.34
C GLU C 97 51.68 -9.54 10.88
N PRO C 98 52.17 -10.29 9.89
CA PRO C 98 51.42 -11.46 9.43
C PRO C 98 51.31 -12.51 10.51
N LEU C 99 50.09 -13.02 10.69
CA LEU C 99 49.85 -14.08 11.66
C LEU C 99 50.45 -15.39 11.16
N VAL C 100 50.50 -16.37 12.05
CA VAL C 100 50.89 -17.74 11.72
C VAL C 100 49.74 -18.66 12.07
N LEU C 101 49.29 -19.45 11.09
CA LEU C 101 48.13 -20.30 11.27
C LEU C 101 48.48 -21.52 12.10
N ASN C 102 47.48 -22.03 12.82
CA ASN C 102 47.64 -23.26 13.58
C ASN C 102 46.33 -24.02 13.61
N SER C 103 45.98 -24.59 14.77
CA SER C 103 44.71 -25.29 14.92
C SER C 103 43.61 -24.40 15.46
N TYR C 104 43.96 -23.35 16.20
CA TYR C 104 42.98 -22.47 16.81
C TYR C 104 42.73 -21.20 15.99
N VAL C 105 43.60 -20.86 15.06
CA VAL C 105 43.38 -19.77 14.11
C VAL C 105 43.49 -20.33 12.70
N THR C 106 42.46 -20.08 11.89
CA THR C 106 42.38 -20.59 10.53
C THR C 106 41.54 -19.65 9.68
N PRO C 107 42.02 -19.24 8.50
CA PRO C 107 41.20 -18.41 7.62
C PRO C 107 39.97 -19.15 7.14
N ILE C 108 38.98 -18.37 6.70
CA ILE C 108 37.75 -18.92 6.14
C ILE C 108 37.83 -18.90 4.62
N CYS C 109 37.20 -19.89 4.00
CA CYS C 109 37.29 -20.02 2.55
C CYS C 109 36.31 -19.08 1.86
N ILE C 110 36.73 -18.54 0.72
CA ILE C 110 35.91 -17.63 -0.07
C ILE C 110 35.95 -18.10 -1.51
N ALA C 111 34.79 -18.46 -2.06
CA ALA C 111 34.70 -18.95 -3.43
C ALA C 111 34.77 -17.76 -4.38
N ASP C 112 34.31 -17.95 -5.62
CA ASP C 112 34.30 -16.87 -6.60
C ASP C 112 33.02 -16.06 -6.49
N LYS C 113 32.63 -15.38 -7.57
CA LYS C 113 31.41 -14.58 -7.54
C LYS C 113 30.17 -15.47 -7.62
N GLU C 114 30.14 -16.37 -8.59
CA GLU C 114 28.93 -17.16 -8.84
C GLU C 114 28.66 -18.15 -7.72
N TYR C 115 29.69 -18.86 -7.26
CA TYR C 115 29.47 -19.93 -6.29
C TYR C 115 29.08 -19.38 -4.93
N THR C 116 29.72 -18.29 -4.48
CA THR C 116 29.37 -17.68 -3.21
C THR C 116 27.87 -17.44 -3.07
N ASN C 117 27.19 -17.15 -4.19
CA ASN C 117 25.74 -17.06 -4.18
C ASN C 117 25.08 -18.43 -4.14
N ILE C 118 25.73 -19.45 -4.70
CA ILE C 118 25.16 -20.80 -4.67
C ILE C 118 25.21 -21.36 -3.26
N PHE C 119 26.35 -21.23 -2.57
CA PHE C 119 26.44 -21.72 -1.20
C PHE C 119 25.42 -21.05 -0.29
N LEU C 120 25.12 -19.77 -0.53
CA LEU C 120 24.12 -19.08 0.28
C LEU C 120 22.72 -19.64 0.05
N LYS C 121 22.42 -20.05 -1.18
CA LYS C 121 21.09 -20.56 -1.52
C LYS C 121 20.79 -21.91 -0.90
N PHE C 122 21.73 -22.50 -0.15
CA PHE C 122 21.47 -23.78 0.49
C PHE C 122 20.42 -23.63 1.60
N GLY C 123 20.43 -22.50 2.30
CA GLY C 123 19.42 -22.22 3.29
C GLY C 123 19.93 -22.08 4.71
N SER C 124 20.84 -22.96 5.11
CA SER C 124 21.35 -22.99 6.48
C SER C 124 22.65 -22.21 6.60
N GLY C 125 22.75 -21.40 7.64
CA GLY C 125 23.94 -20.61 7.89
C GLY C 125 24.22 -20.51 9.38
N TYR C 126 25.50 -20.39 9.72
CA TYR C 126 25.94 -20.30 11.10
C TYR C 126 26.56 -18.94 11.37
N VAL C 127 26.21 -18.35 12.51
CA VAL C 127 26.71 -17.04 12.93
C VAL C 127 27.30 -17.17 14.32
N SER C 128 28.28 -16.34 14.63
CA SER C 128 28.95 -16.38 15.92
C SER C 128 29.44 -14.99 16.29
N GLY C 129 29.52 -14.72 17.58
CA GLY C 129 29.99 -13.43 18.05
C GLY C 129 30.01 -13.39 19.56
N TRP C 130 30.52 -12.27 20.08
CA TRP C 130 30.63 -12.02 21.51
C TRP C 130 29.64 -10.96 21.98
N GLY C 131 28.62 -10.65 21.18
CA GLY C 131 27.72 -9.56 21.48
C GLY C 131 26.73 -9.83 22.60
N ARG C 132 25.66 -9.06 22.63
CA ARG C 132 24.67 -9.16 23.70
C ARG C 132 23.90 -10.48 23.59
N VAL C 133 23.64 -11.09 24.75
CA VAL C 133 22.83 -12.30 24.79
C VAL C 133 21.35 -11.96 24.77
N PHE C 134 20.95 -10.91 25.47
N PHE C 134 20.95 -10.90 25.47
CA PHE C 134 19.58 -10.44 25.48
CA PHE C 134 19.57 -10.43 25.49
C PHE C 134 19.51 -9.05 24.87
C PHE C 134 19.50 -9.03 24.91
N HIS C 135 18.30 -8.62 24.52
CA HIS C 135 18.07 -7.30 23.96
C HIS C 135 18.34 -6.25 25.02
N LYS C 136 19.37 -5.43 24.81
CA LYS C 136 19.79 -4.40 25.77
C LYS C 136 20.10 -5.01 27.13
N GLY C 137 20.72 -6.19 27.12
CA GLY C 137 21.05 -6.90 28.34
C GLY C 137 22.54 -7.12 28.51
N ARG C 138 22.92 -8.28 29.03
CA ARG C 138 24.32 -8.59 29.28
C ARG C 138 24.98 -9.11 28.01
N SER C 139 26.29 -8.90 27.93
CA SER C 139 27.09 -9.37 26.80
C SER C 139 27.66 -10.75 27.09
N ALA C 140 27.89 -11.51 26.03
CA ALA C 140 28.38 -12.88 26.17
C ALA C 140 29.86 -12.91 26.51
N LEU C 141 30.23 -13.81 27.43
CA LEU C 141 31.62 -14.00 27.81
C LEU C 141 32.31 -15.06 26.97
N VAL C 142 31.59 -16.11 26.58
CA VAL C 142 32.10 -17.18 25.74
C VAL C 142 31.47 -17.05 24.36
N LEU C 143 32.20 -17.53 23.36
CA LEU C 143 31.70 -17.51 21.99
C LEU C 143 30.37 -18.26 21.89
N GLN C 144 29.37 -17.59 21.35
CA GLN C 144 28.04 -18.16 21.15
C GLN C 144 27.80 -18.29 19.65
N TYR C 145 27.45 -19.49 19.21
CA TYR C 145 27.11 -19.74 17.81
C TYR C 145 25.63 -20.07 17.69
N LEU C 146 25.10 -19.89 16.47
CA LEU C 146 23.69 -20.10 16.22
C LEU C 146 23.48 -20.40 14.74
N ARG C 147 22.64 -21.39 14.46
CA ARG C 147 22.25 -21.73 13.10
C ARG C 147 20.98 -20.99 12.72
N VAL C 148 20.99 -20.32 11.58
CA VAL C 148 19.86 -19.49 11.15
C VAL C 148 19.46 -19.85 9.73
N PRO C 149 18.16 -19.94 9.44
CA PRO C 149 17.72 -20.24 8.07
C PRO C 149 17.51 -18.98 7.25
N LEU C 150 17.77 -19.10 5.95
CA LEU C 150 17.63 -17.98 5.03
C LEU C 150 16.16 -17.75 4.72
N VAL C 151 15.68 -16.54 5.00
CA VAL C 151 14.30 -16.17 4.69
C VAL C 151 14.27 -15.48 3.32
N ASP C 152 13.21 -15.74 2.58
CA ASP C 152 13.12 -15.20 1.22
C ASP C 152 13.03 -13.67 1.26
N ARG C 153 13.44 -13.06 0.14
CA ARG C 153 13.50 -11.60 0.07
C ARG C 153 12.11 -10.99 0.15
N ALA C 154 11.11 -11.61 -0.48
CA ALA C 154 9.78 -11.01 -0.52
C ALA C 154 9.18 -10.87 0.87
N THR C 155 9.45 -11.83 1.76
CA THR C 155 8.96 -11.76 3.12
C THR C 155 9.71 -10.72 3.95
N CYS C 156 10.98 -10.47 3.62
CA CYS C 156 11.80 -9.60 4.44
C CYS C 156 11.45 -8.13 4.24
N LEU C 157 11.14 -7.73 3.00
CA LEU C 157 10.82 -6.33 2.74
C LEU C 157 9.51 -5.93 3.39
N ARG C 158 8.53 -6.84 3.42
CA ARG C 158 7.24 -6.56 4.03
C ARG C 158 7.27 -6.62 5.55
N SER C 159 8.43 -6.94 6.15
CA SER C 159 8.53 -7.07 7.59
C SER C 159 9.02 -5.81 8.29
N THR C 160 9.63 -4.88 7.54
CA THR C 160 10.22 -3.69 8.14
C THR C 160 10.00 -2.50 7.21
N LYS C 161 9.97 -1.31 7.81
CA LYS C 161 9.82 -0.09 7.02
C LYS C 161 11.14 0.36 6.41
N PHE C 162 12.27 -0.02 7.01
CA PHE C 162 13.57 0.32 6.44
C PHE C 162 13.79 -0.43 5.14
N THR C 163 14.56 0.18 4.23
CA THR C 163 14.77 -0.41 2.92
C THR C 163 15.88 -1.46 2.97
N ILE C 164 15.64 -2.58 2.30
CA ILE C 164 16.61 -3.67 2.19
C ILE C 164 17.16 -3.64 0.77
N TYR C 165 18.48 -3.46 0.66
CA TYR C 165 19.11 -3.29 -0.63
C TYR C 165 19.51 -4.64 -1.24
N ASN C 166 20.03 -4.60 -2.47
CA ASN C 166 20.33 -5.83 -3.19
C ASN C 166 21.49 -6.59 -2.55
N ASN C 167 22.48 -5.87 -2.05
CA ASN C 167 23.65 -6.50 -1.46
C ASN C 167 23.43 -6.89 0.00
N MET C 168 22.19 -7.07 0.43
CA MET C 168 21.86 -7.48 1.79
C MET C 168 20.79 -8.56 1.74
N PHE C 169 20.95 -9.58 2.57
CA PHE C 169 19.95 -10.63 2.74
C PHE C 169 19.54 -10.71 4.21
N CYS C 170 18.47 -11.44 4.46
CA CYS C 170 17.93 -11.59 5.81
C CYS C 170 17.91 -13.06 6.18
N ALA C 171 17.99 -13.32 7.49
CA ALA C 171 17.96 -14.67 8.02
C ALA C 171 17.46 -14.64 9.45
N GLY C 172 16.88 -15.74 9.88
CA GLY C 172 16.36 -15.83 11.24
C GLY C 172 15.14 -16.73 11.26
N PHE C 173 14.59 -16.87 12.47
CA PHE C 173 13.41 -17.69 12.69
C PHE C 173 12.17 -16.82 12.82
N HIS C 174 11.01 -17.47 12.74
CA HIS C 174 9.74 -16.76 12.76
C HIS C 174 9.40 -16.27 14.18
N GLU C 175 9.34 -17.19 15.14
CA GLU C 175 8.93 -16.88 16.49
C GLU C 175 10.03 -16.20 17.31
N GLY C 176 11.00 -15.55 16.67
CA GLY C 176 12.06 -14.88 17.40
C GLY C 176 12.91 -15.89 18.16
N GLY C 177 13.34 -15.50 19.35
CA GLY C 177 14.12 -16.37 20.21
C GLY C 177 15.59 -16.47 19.83
N ARG C 178 15.86 -16.88 18.59
CA ARG C 178 17.22 -17.07 18.10
C ARG C 178 17.53 -16.01 17.04
N ASP C 179 18.46 -15.12 17.37
CA ASP C 179 18.87 -14.05 16.47
C ASP C 179 20.15 -13.42 17.00
N SER C 180 20.88 -12.75 16.11
CA SER C 180 22.04 -11.99 16.53
C SER C 180 21.59 -10.69 17.22
N CYS C 181 22.56 -10.03 17.85
CA CYS C 181 22.29 -8.82 18.61
C CYS C 181 23.45 -7.85 18.41
N GLN C 182 23.44 -6.76 19.18
CA GLN C 182 24.52 -5.79 19.11
C GLN C 182 25.81 -6.39 19.67
N GLY C 183 26.91 -6.16 18.96
CA GLY C 183 28.20 -6.70 19.35
C GLY C 183 28.65 -7.82 18.42
N ASP C 184 27.69 -8.60 17.92
CA ASP C 184 27.99 -9.64 16.95
C ASP C 184 28.33 -9.07 15.58
N SER C 185 27.95 -7.82 15.33
CA SER C 185 28.12 -7.21 14.02
C SER C 185 29.60 -7.13 13.64
N GLY C 186 29.91 -7.53 12.41
CA GLY C 186 31.27 -7.59 11.93
C GLY C 186 31.83 -8.99 11.80
N GLY C 187 31.25 -9.96 12.50
CA GLY C 187 31.75 -11.31 12.49
C GLY C 187 31.30 -12.10 11.27
N PRO C 188 31.42 -13.42 11.34
CA PRO C 188 31.11 -14.25 10.16
C PRO C 188 29.71 -14.82 10.17
N HIS C 189 29.13 -14.91 8.96
CA HIS C 189 27.99 -15.78 8.68
C HIS C 189 28.48 -16.77 7.63
N VAL C 190 28.51 -18.05 7.99
CA VAL C 190 29.18 -19.05 7.17
C VAL C 190 28.22 -20.23 6.96
N THR C 191 28.30 -20.83 5.77
CA THR C 191 27.57 -22.05 5.46
C THR C 191 28.57 -23.16 5.17
N GLU C 192 28.29 -24.35 5.70
CA GLU C 192 29.18 -25.49 5.55
C GLU C 192 28.76 -26.37 4.38
N VAL C 193 29.75 -26.99 3.75
CA VAL C 193 29.48 -27.92 2.65
C VAL C 193 30.47 -29.07 2.71
N GLU C 194 29.95 -30.27 3.03
CA GLU C 194 30.77 -31.48 3.14
C GLU C 194 31.93 -31.29 4.12
N GLY C 195 31.73 -30.48 5.16
CA GLY C 195 32.78 -30.23 6.13
C GLY C 195 33.43 -28.87 5.99
N THR C 196 33.80 -28.50 4.77
CA THR C 196 34.46 -27.23 4.53
C THR C 196 33.47 -26.08 4.70
N SER C 197 33.94 -24.98 5.28
CA SER C 197 33.13 -23.80 5.55
C SER C 197 33.51 -22.68 4.60
N PHE C 198 32.49 -21.99 4.07
CA PHE C 198 32.67 -20.90 3.12
C PHE C 198 31.91 -19.68 3.60
N LEU C 199 32.59 -18.54 3.67
CA LEU C 199 31.97 -17.32 4.15
C LEU C 199 30.91 -16.83 3.18
N THR C 200 29.73 -16.48 3.70
CA THR C 200 28.66 -15.95 2.86
C THR C 200 27.95 -14.73 3.43
N GLY C 201 28.24 -14.31 4.66
CA GLY C 201 27.56 -13.16 5.22
C GLY C 201 28.33 -12.53 6.36
N ILE C 202 27.95 -11.29 6.65
CA ILE C 202 28.46 -10.54 7.80
C ILE C 202 27.27 -9.98 8.56
N ILE C 203 27.28 -10.11 9.88
CA ILE C 203 26.19 -9.59 10.69
C ILE C 203 26.15 -8.07 10.56
N SER C 204 25.04 -7.57 10.01
CA SER C 204 24.91 -6.14 9.71
C SER C 204 24.04 -5.43 10.73
N TRP C 205 22.76 -5.76 10.79
CA TRP C 205 21.85 -5.10 11.73
C TRP C 205 20.55 -5.89 11.81
N GLY C 206 19.55 -5.25 12.42
CA GLY C 206 18.25 -5.84 12.68
C GLY C 206 17.45 -4.94 13.61
N GLU C 207 16.15 -5.16 13.68
CA GLU C 207 15.28 -4.40 14.58
C GLU C 207 15.22 -5.11 15.92
N GLU C 208 15.85 -4.50 16.92
CA GLU C 208 15.99 -5.08 18.26
C GLU C 208 16.71 -6.43 18.12
N CYS C 209 16.34 -7.41 18.94
CA CYS C 209 16.95 -8.72 18.88
C CYS C 209 15.92 -9.77 19.21
N ALA C 210 15.81 -10.79 18.36
CA ALA C 210 14.94 -11.94 18.58
C ALA C 210 13.50 -11.51 18.83
N MET C 211 12.79 -11.12 17.77
CA MET C 211 11.41 -10.70 17.87
C MET C 211 10.64 -11.23 16.67
N LYS C 212 9.37 -11.56 16.92
CA LYS C 212 8.50 -12.05 15.86
C LYS C 212 8.26 -10.93 14.85
N GLY C 213 8.41 -11.27 13.57
CA GLY C 213 8.25 -10.29 12.51
C GLY C 213 9.57 -9.72 12.03
N LYS C 214 10.49 -9.47 12.95
CA LYS C 214 11.79 -8.94 12.61
C LYS C 214 12.78 -10.08 12.33
N TYR C 215 13.72 -9.81 11.44
CA TYR C 215 14.77 -10.76 11.08
C TYR C 215 16.12 -10.08 11.08
N GLY C 216 17.17 -10.85 11.33
CA GLY C 216 18.52 -10.35 11.22
C GLY C 216 18.90 -10.18 9.76
N ILE C 217 19.42 -9.00 9.43
CA ILE C 217 19.84 -8.70 8.06
C ILE C 217 21.35 -8.74 7.99
N TYR C 218 21.87 -9.37 6.94
CA TYR C 218 23.29 -9.62 6.78
C TYR C 218 23.78 -9.05 5.45
N THR C 219 25.10 -8.95 5.32
CA THR C 219 25.72 -8.42 4.13
C THR C 219 26.03 -9.55 3.16
N LYS C 220 25.74 -9.32 1.88
CA LYS C 220 26.00 -10.30 0.83
C LYS C 220 27.46 -10.18 0.41
N VAL C 221 28.30 -11.09 0.90
CA VAL C 221 29.71 -11.06 0.54
C VAL C 221 29.94 -11.47 -0.90
N SER C 222 28.96 -12.14 -1.52
CA SER C 222 29.11 -12.54 -2.92
C SER C 222 29.34 -11.33 -3.82
N ARG C 223 28.71 -10.19 -3.51
CA ARG C 223 28.86 -8.98 -4.30
C ARG C 223 30.21 -8.30 -4.09
N TYR C 224 31.06 -8.81 -3.20
CA TYR C 224 32.34 -8.18 -2.90
C TYR C 224 33.49 -9.19 -2.90
N VAL C 225 33.25 -10.40 -3.41
CA VAL C 225 34.29 -11.43 -3.41
C VAL C 225 35.47 -11.00 -4.27
N ASN C 226 35.19 -10.50 -5.48
CA ASN C 226 36.27 -10.04 -6.35
C ASN C 226 37.04 -8.89 -5.73
N TRP C 227 36.38 -8.07 -4.92
CA TRP C 227 37.04 -6.98 -4.21
C TRP C 227 37.84 -7.47 -3.03
N ILE C 228 37.48 -8.62 -2.46
CA ILE C 228 38.21 -9.15 -1.32
C ILE C 228 39.49 -9.86 -1.76
N LYS C 229 39.38 -10.68 -2.82
CA LYS C 229 40.55 -11.43 -3.28
C LYS C 229 41.62 -10.51 -3.86
N GLU C 230 41.22 -9.41 -4.50
CA GLU C 230 42.19 -8.53 -5.14
C GLU C 230 42.94 -7.69 -4.11
N LYS C 231 42.31 -7.35 -2.99
CA LYS C 231 42.93 -6.49 -1.99
C LYS C 231 43.72 -7.25 -0.94
N THR C 232 43.42 -8.53 -0.71
CA THR C 232 44.12 -9.33 0.28
C THR C 232 45.11 -10.31 -0.34
N LYS C 233 45.46 -10.14 -1.60
CA LYS C 233 46.42 -11.02 -2.25
C LYS C 233 47.81 -10.79 -1.67
N LEU C 234 48.60 -11.85 -1.68
CA LEU C 234 49.96 -11.79 -1.15
C LEU C 234 50.95 -11.46 -2.26
N THR D 4 25.44 -33.15 -16.03
CA THR D 4 26.56 -32.22 -15.94
C THR D 4 26.54 -31.48 -14.60
N CYS D 5 27.03 -30.24 -14.61
CA CYS D 5 27.14 -29.47 -13.37
C CYS D 5 25.80 -29.14 -12.74
N ASN D 6 24.70 -29.23 -13.50
CA ASN D 6 23.39 -28.94 -12.95
C ASN D 6 22.82 -30.08 -12.12
N ILE D 7 23.28 -31.31 -12.34
CA ILE D 7 22.82 -32.47 -11.61
C ILE D 7 23.85 -32.81 -10.55
N LYS D 8 23.50 -32.55 -9.28
CA LYS D 8 24.37 -32.87 -8.14
C LYS D 8 25.73 -32.20 -8.26
N ASN D 9 25.74 -30.96 -8.76
CA ASN D 9 26.96 -30.16 -8.90
C ASN D 9 28.00 -30.87 -9.77
N GLY D 10 27.55 -31.69 -10.72
CA GLY D 10 28.46 -32.44 -11.56
C GLY D 10 29.35 -33.40 -10.81
N ARG D 11 28.85 -34.00 -9.73
CA ARG D 11 29.54 -34.92 -8.83
C ARG D 11 30.72 -34.27 -8.11
N CYS D 12 31.00 -33.00 -8.36
CA CYS D 12 32.12 -32.32 -7.71
C CYS D 12 31.78 -32.00 -6.26
N GLU D 13 32.81 -31.60 -5.52
CA GLU D 13 32.65 -31.26 -4.10
C GLU D 13 32.70 -29.78 -3.81
N GLN D 14 33.33 -28.98 -4.67
CA GLN D 14 33.43 -27.55 -4.43
C GLN D 14 33.07 -26.76 -5.69
N PHE D 15 33.84 -26.95 -6.76
CA PHE D 15 33.65 -26.20 -7.99
C PHE D 15 33.44 -27.16 -9.16
N CYS D 16 32.60 -26.75 -10.11
CA CYS D 16 32.30 -27.53 -11.30
C CYS D 16 32.51 -26.66 -12.53
N LYS D 17 32.89 -27.31 -13.63
CA LYS D 17 33.17 -26.60 -14.87
C LYS D 17 33.05 -27.58 -16.03
N ASN D 18 32.40 -27.12 -17.10
CA ASN D 18 32.18 -27.93 -18.30
C ASN D 18 33.12 -27.45 -19.41
N SER D 19 33.90 -28.36 -19.97
CA SER D 19 34.82 -28.02 -21.05
C SER D 19 34.77 -29.08 -22.15
N VAL D 24 33.10 -32.42 -18.30
CA VAL D 24 32.87 -31.74 -17.03
C VAL D 24 34.03 -31.99 -16.08
N VAL D 25 34.64 -30.91 -15.59
CA VAL D 25 35.77 -30.97 -14.68
C VAL D 25 35.39 -30.30 -13.36
N CYS D 26 36.20 -30.57 -12.34
CA CYS D 26 35.99 -29.99 -11.01
C CYS D 26 37.26 -29.34 -10.52
N SER D 27 37.10 -28.44 -9.56
CA SER D 27 38.22 -27.73 -8.94
C SER D 27 37.95 -27.55 -7.46
N CYS D 28 38.94 -27.01 -6.76
CA CYS D 28 38.87 -26.74 -5.33
C CYS D 28 39.36 -25.33 -5.05
N THR D 29 39.06 -24.85 -3.85
CA THR D 29 39.53 -23.54 -3.41
C THR D 29 41.00 -23.62 -3.00
N GLU D 30 41.54 -22.49 -2.55
CA GLU D 30 42.95 -22.42 -2.20
C GLU D 30 43.26 -23.26 -0.97
N GLY D 31 44.45 -23.86 -0.97
CA GLY D 31 44.86 -24.75 0.09
C GLY D 31 44.44 -26.19 -0.09
N TYR D 32 43.75 -26.51 -1.17
CA TYR D 32 43.26 -27.86 -1.45
C TYR D 32 43.78 -28.34 -2.79
N ARG D 33 43.39 -29.57 -3.14
CA ARG D 33 43.76 -30.17 -4.41
C ARG D 33 42.74 -31.26 -4.73
N LEU D 34 42.72 -31.65 -6.02
CA LEU D 34 41.80 -32.68 -6.47
C LEU D 34 42.14 -34.01 -5.81
N ALA D 35 41.22 -34.52 -4.99
CA ALA D 35 41.47 -35.72 -4.19
C ALA D 35 41.38 -36.95 -5.07
N GLU D 36 42.47 -37.72 -5.13
CA GLU D 36 42.50 -39.02 -5.83
C GLU D 36 42.07 -38.89 -7.29
N ASN D 37 42.29 -37.71 -7.89
CA ASN D 37 41.90 -37.40 -9.27
C ASN D 37 40.40 -37.55 -9.51
N GLN D 38 39.60 -37.74 -8.46
CA GLN D 38 38.15 -37.84 -8.60
C GLN D 38 37.55 -36.45 -8.43
N LYS D 39 36.23 -36.38 -8.32
CA LYS D 39 35.53 -35.11 -8.16
C LYS D 39 35.42 -34.69 -6.70
N SER D 40 36.48 -34.86 -5.92
CA SER D 40 36.51 -34.48 -4.51
C SER D 40 37.71 -33.58 -4.24
N CYS D 41 37.80 -33.09 -3.01
CA CYS D 41 38.84 -32.14 -2.60
C CYS D 41 39.47 -32.60 -1.29
N GLU D 42 40.79 -32.71 -1.28
CA GLU D 42 41.57 -33.10 -0.11
C GLU D 42 42.52 -31.99 0.29
N PRO D 43 42.91 -31.92 1.57
CA PRO D 43 43.81 -30.86 2.02
C PRO D 43 45.21 -31.02 1.44
N ALA D 44 45.79 -29.90 1.01
CA ALA D 44 47.16 -29.86 0.52
C ALA D 44 48.06 -28.95 1.34
N VAL D 45 47.52 -28.31 2.37
CA VAL D 45 48.25 -27.39 3.24
C VAL D 45 48.06 -27.88 4.66
N PRO D 46 49.07 -27.74 5.54
CA PRO D 46 48.88 -28.23 6.92
C PRO D 46 47.68 -27.64 7.64
N PHE D 47 47.32 -26.38 7.37
CA PHE D 47 46.17 -25.73 8.00
C PHE D 47 45.25 -25.18 6.92
N PRO D 48 44.42 -26.02 6.31
CA PRO D 48 43.51 -25.55 5.27
C PRO D 48 42.35 -24.77 5.86
N CYS D 49 41.77 -23.91 5.01
CA CYS D 49 40.74 -22.99 5.45
C CYS D 49 39.44 -23.74 5.76
N GLY D 50 38.61 -23.10 6.59
CA GLY D 50 37.27 -23.58 6.88
C GLY D 50 37.18 -24.99 7.40
N ARG D 51 38.14 -25.40 8.23
CA ARG D 51 38.17 -26.76 8.79
C ARG D 51 38.39 -26.69 10.29
N VAL D 52 37.67 -27.54 11.02
CA VAL D 52 37.81 -27.65 12.47
C VAL D 52 38.86 -28.72 12.75
N SER D 53 40.05 -28.31 13.18
CA SER D 53 41.14 -29.24 13.45
C SER D 53 41.27 -29.61 14.91
N VAL D 54 40.90 -28.71 15.83
CA VAL D 54 40.96 -29.01 17.25
C VAL D 54 39.93 -30.09 17.58
N SER D 55 40.28 -30.99 18.49
CA SER D 55 39.35 -32.01 18.95
C SER D 55 38.18 -31.35 19.68
N GLN D 56 36.95 -31.74 19.31
CA GLN D 56 35.74 -31.26 19.96
C GLN D 56 35.12 -32.33 20.87
N THR D 57 35.96 -33.09 21.58
CA THR D 57 35.48 -34.16 22.43
C THR D 57 34.81 -33.60 23.68
N SER D 58 34.17 -34.50 24.43
CA SER D 58 33.45 -34.16 25.66
C SER D 58 32.41 -33.06 25.44
S SO4 E . -18.35 2.41 7.05
O1 SO4 E . -19.76 2.61 6.75
O2 SO4 E . -17.54 2.94 5.95
O3 SO4 E . -18.01 3.13 8.28
O4 SO4 E . -18.07 0.99 7.23
C TRS F . -39.87 32.03 -5.65
C1 TRS F . -40.01 30.55 -6.02
C2 TRS F . -39.34 32.15 -4.22
C3 TRS F . -41.23 32.72 -5.80
N TRS F . -38.92 32.64 -6.58
O1 TRS F . -40.83 29.88 -5.09
O2 TRS F . -39.33 33.49 -3.79
O3 TRS F . -41.14 34.09 -5.48
S SO4 G . -8.82 22.92 -1.72
O1 SO4 G . -9.08 24.26 -1.21
O2 SO4 G . -9.62 22.70 -2.92
O3 SO4 G . -9.17 21.92 -0.71
O4 SO4 G . -7.40 22.80 -2.04
CA CA H . 40.73 -15.54 26.28
N 0GJ I . 19.63 -1.44 14.59
CA 0GJ I . 20.50 -0.37 15.18
C 0GJ I . 21.97 -0.79 15.05
O 0GJ I . 22.33 -1.41 14.05
CB 0GJ I . 20.14 -0.12 16.65
CG 0GJ I . 19.90 -1.38 17.49
CD 0GJ I . 20.70 -1.39 18.80
OE1 0GJ I . 21.09 -0.31 19.29
OE2 0GJ I . 20.96 -2.51 19.31
N1 0GJ I . 22.84 -0.44 16.01
CA1 0GJ I . 24.24 -0.81 15.91
C1 0GJ I . 24.31 -2.32 16.02
O1 0GJ I . 23.54 -2.90 16.76
N2 0GJ I . 25.22 -2.96 15.27
CA2 0GJ I . 25.34 -4.43 15.33
C2 0GJ I . 26.64 -4.80 14.64
O2 0GJ I . 27.32 -5.02 15.90
CB1 0GJ I . 24.13 -5.08 14.61
CG1 0GJ I . 23.20 -5.88 15.52
CD1 0GJ I . 22.43 -6.90 14.73
NE 0GJ I . 21.05 -7.08 15.21
CZ 0GJ I . 20.28 -8.10 14.84
NH1 0GJ I . 19.04 -8.23 15.30
NH2 0GJ I . 20.75 -9.00 13.99
C3 0GJ I . 27.08 -3.56 13.80
#